data_3IL8
# 
_entry.id   3IL8 
# 
_audit_conform.dict_name       mmcif_pdbx.dic 
_audit_conform.dict_version    5.397 
_audit_conform.dict_location   http://mmcif.pdb.org/dictionaries/ascii/mmcif_pdbx.dic 
# 
loop_
_database_2.database_id 
_database_2.database_code 
_database_2.pdbx_database_accession 
_database_2.pdbx_DOI 
PDB   3IL8         pdb_00003il8 10.2210/pdb3il8/pdb 
WWPDB D_1000179016 ?            ?                   
# 
loop_
_pdbx_audit_revision_history.ordinal 
_pdbx_audit_revision_history.data_content_type 
_pdbx_audit_revision_history.major_revision 
_pdbx_audit_revision_history.minor_revision 
_pdbx_audit_revision_history.revision_date 
1 'Structure model' 1 0 1992-10-15 
2 'Structure model' 1 1 2008-03-25 
3 'Structure model' 1 2 2011-07-13 
4 'Structure model' 1 3 2012-02-29 
5 'Structure model' 1 4 2024-06-05 
6 'Structure model' 1 5 2024-10-30 
# 
_pdbx_audit_revision_details.ordinal             1 
_pdbx_audit_revision_details.revision_ordinal    1 
_pdbx_audit_revision_details.data_content_type   'Structure model' 
_pdbx_audit_revision_details.provider            repository 
_pdbx_audit_revision_details.type                'Initial release' 
_pdbx_audit_revision_details.description         ? 
_pdbx_audit_revision_details.details             ? 
# 
loop_
_pdbx_audit_revision_group.ordinal 
_pdbx_audit_revision_group.revision_ordinal 
_pdbx_audit_revision_group.data_content_type 
_pdbx_audit_revision_group.group 
1 2 'Structure model' 'Version format compliance' 
2 3 'Structure model' 'Version format compliance' 
3 4 'Structure model' 'Database references'       
4 5 'Structure model' 'Data collection'           
5 5 'Structure model' 'Database references'       
6 5 'Structure model' Other                       
7 6 'Structure model' 'Structure summary'         
# 
loop_
_pdbx_audit_revision_category.ordinal 
_pdbx_audit_revision_category.revision_ordinal 
_pdbx_audit_revision_category.data_content_type 
_pdbx_audit_revision_category.category 
1 5 'Structure model' chem_comp_atom            
2 5 'Structure model' chem_comp_bond            
3 5 'Structure model' database_2                
4 5 'Structure model' pdbx_database_status      
5 6 'Structure model' pdbx_entry_details        
6 6 'Structure model' pdbx_modification_feature 
# 
loop_
_pdbx_audit_revision_item.ordinal 
_pdbx_audit_revision_item.revision_ordinal 
_pdbx_audit_revision_item.data_content_type 
_pdbx_audit_revision_item.item 
1 5 'Structure model' '_database_2.pdbx_DOI'                
2 5 'Structure model' '_database_2.pdbx_database_accession' 
3 5 'Structure model' '_pdbx_database_status.process_site'  
# 
_pdbx_database_status.status_code                     REL 
_pdbx_database_status.entry_id                        3IL8 
_pdbx_database_status.recvd_initial_deposition_date   1990-12-07 
_pdbx_database_status.deposit_site                    ? 
_pdbx_database_status.process_site                    BNL 
_pdbx_database_status.SG_entry                        . 
_pdbx_database_status.status_code_sf                  ? 
_pdbx_database_status.status_code_mr                  ? 
_pdbx_database_status.status_code_cs                  ? 
_pdbx_database_status.methods_development_category    ? 
_pdbx_database_status.pdb_format_compatible           Y 
_pdbx_database_status.status_code_nmr_data            ? 
# 
loop_
_audit_author.name 
_audit_author.pdbx_ordinal 
'Baldwin, E.T.'    1  
'Weber, I.T.'      2  
'St Charles, R.'   3  
'Xuan, J.-C.'      4  
'Appella, E.'      5  
'Yamada, M.'       6  
'Matsushima, K.'   7  
'Edwards, B.F.P.'  8  
'Clore, G.M.'      9  
'Gronenborn, A.M.' 10 
'Wlodawer, A.'     11 
# 
loop_
_citation.id 
_citation.title 
_citation.journal_abbrev 
_citation.journal_volume 
_citation.page_first 
_citation.page_last 
_citation.year 
_citation.journal_id_ASTM 
_citation.country 
_citation.journal_id_ISSN 
_citation.journal_id_CSD 
_citation.book_publisher 
_citation.pdbx_database_id_PubMed 
_citation.pdbx_database_id_DOI 
primary 'Crystal structure of interleukin 8: symbiosis of NMR and crystallography.'                       Proc.Natl.Acad.Sci.USA 
88  502  506 1991 PNASA6 US 0027-8424 0040 ? 1988949 10.1073/pnas.88.2.502 
1       'Crystallization of Human Interleukin-8. A Protein Chemotactic for Neutrophils and T-Lymphocytes' J.Biol.Chem.           
265 6851 ?   1990 JBCHA3 US 0021-9258 0071 ? ?       ?                     
# 
loop_
_citation_author.citation_id 
_citation_author.name 
_citation_author.ordinal 
_citation_author.identifier_ORCID 
primary 'Baldwin, E.T.'    1  ? 
primary 'Weber, I.T.'      2  ? 
primary 'St Charles, R.'   3  ? 
primary 'Xuan, J.C.'       4  ? 
primary 'Appella, E.'      5  ? 
primary 'Yamada, M.'       6  ? 
primary 'Matsushima, K.'   7  ? 
primary 'Edwards, B.F.'    8  ? 
primary 'Clore, G.M.'      9  ? 
primary 'Gronenborn, A.M.' 10 ? 
primary 'Wlodawer, A.'     11 ? 
1       'Baldwin, E.T.'    12 ? 
1       'Franklin, K.A.'   13 ? 
1       'Appella, E.'      14 ? 
1       'Yamada, M.'       15 ? 
1       'Matsushima, K.'   16 ? 
1       'Wlodawer, A.'     17 ? 
1       'Weber, I.T.'      18 ? 
# 
loop_
_entity.id 
_entity.type 
_entity.src_method 
_entity.pdbx_description 
_entity.formula_weight 
_entity.pdbx_number_of_molecules 
_entity.pdbx_ec 
_entity.pdbx_mutation 
_entity.pdbx_fragment 
_entity.details 
1 polymer man INTERLEUKIN-8 8401.807 1   ? ? ? ? 
2 water   nat water         18.015   135 ? ? ? ? 
# 
_entity_poly.entity_id                      1 
_entity_poly.type                           'polypeptide(L)' 
_entity_poly.nstd_linkage                   no 
_entity_poly.nstd_monomer                   no 
_entity_poly.pdbx_seq_one_letter_code       SAKELRCQCIKTYSKPFHPKFIKELRVIESGPHCANTEIIVKLSDGRELCLDPKENWVQRVVEKFLKRAENS 
_entity_poly.pdbx_seq_one_letter_code_can   SAKELRCQCIKTYSKPFHPKFIKELRVIESGPHCANTEIIVKLSDGRELCLDPKENWVQRVVEKFLKRAENS 
_entity_poly.pdbx_strand_id                 A 
_entity_poly.pdbx_target_identifier         ? 
# 
_pdbx_entity_nonpoly.entity_id   2 
_pdbx_entity_nonpoly.name        water 
_pdbx_entity_nonpoly.comp_id     HOH 
# 
loop_
_entity_poly_seq.entity_id 
_entity_poly_seq.num 
_entity_poly_seq.mon_id 
_entity_poly_seq.hetero 
1 1  SER n 
1 2  ALA n 
1 3  LYS n 
1 4  GLU n 
1 5  LEU n 
1 6  ARG n 
1 7  CYS n 
1 8  GLN n 
1 9  CYS n 
1 10 ILE n 
1 11 LYS n 
1 12 THR n 
1 13 TYR n 
1 14 SER n 
1 15 LYS n 
1 16 PRO n 
1 17 PHE n 
1 18 HIS n 
1 19 PRO n 
1 20 LYS n 
1 21 PHE n 
1 22 ILE n 
1 23 LYS n 
1 24 GLU n 
1 25 LEU n 
1 26 ARG n 
1 27 VAL n 
1 28 ILE n 
1 29 GLU n 
1 30 SER n 
1 31 GLY n 
1 32 PRO n 
1 33 HIS n 
1 34 CYS n 
1 35 ALA n 
1 36 ASN n 
1 37 THR n 
1 38 GLU n 
1 39 ILE n 
1 40 ILE n 
1 41 VAL n 
1 42 LYS n 
1 43 LEU n 
1 44 SER n 
1 45 ASP n 
1 46 GLY n 
1 47 ARG n 
1 48 GLU n 
1 49 LEU n 
1 50 CYS n 
1 51 LEU n 
1 52 ASP n 
1 53 PRO n 
1 54 LYS n 
1 55 GLU n 
1 56 ASN n 
1 57 TRP n 
1 58 VAL n 
1 59 GLN n 
1 60 ARG n 
1 61 VAL n 
1 62 VAL n 
1 63 GLU n 
1 64 LYS n 
1 65 PHE n 
1 66 LEU n 
1 67 LYS n 
1 68 ARG n 
1 69 ALA n 
1 70 GLU n 
1 71 ASN n 
1 72 SER n 
# 
_entity_src_gen.entity_id                          1 
_entity_src_gen.pdbx_src_id                        1 
_entity_src_gen.pdbx_alt_source_flag               sample 
_entity_src_gen.pdbx_seq_type                      ? 
_entity_src_gen.pdbx_beg_seq_num                   ? 
_entity_src_gen.pdbx_end_seq_num                   ? 
_entity_src_gen.gene_src_common_name               human 
_entity_src_gen.gene_src_genus                     Homo 
_entity_src_gen.pdbx_gene_src_gene                 ? 
_entity_src_gen.gene_src_species                   ? 
_entity_src_gen.gene_src_strain                    ? 
_entity_src_gen.gene_src_tissue                    ? 
_entity_src_gen.gene_src_tissue_fraction           ? 
_entity_src_gen.gene_src_details                   ? 
_entity_src_gen.pdbx_gene_src_fragment             ? 
_entity_src_gen.pdbx_gene_src_scientific_name      'Homo sapiens' 
_entity_src_gen.pdbx_gene_src_ncbi_taxonomy_id     9606 
_entity_src_gen.pdbx_gene_src_variant              ? 
_entity_src_gen.pdbx_gene_src_cell_line            ? 
_entity_src_gen.pdbx_gene_src_atcc                 ? 
_entity_src_gen.pdbx_gene_src_organ                NEUTROPHILS 
_entity_src_gen.pdbx_gene_src_organelle            ? 
_entity_src_gen.pdbx_gene_src_cell                 ? 
_entity_src_gen.pdbx_gene_src_cellular_location    ? 
_entity_src_gen.host_org_common_name               ? 
_entity_src_gen.pdbx_host_org_scientific_name      ? 
_entity_src_gen.pdbx_host_org_ncbi_taxonomy_id     ? 
_entity_src_gen.host_org_genus                     ? 
_entity_src_gen.pdbx_host_org_gene                 ? 
_entity_src_gen.pdbx_host_org_organ                ? 
_entity_src_gen.host_org_species                   ? 
_entity_src_gen.pdbx_host_org_tissue               ? 
_entity_src_gen.pdbx_host_org_tissue_fraction      ? 
_entity_src_gen.pdbx_host_org_strain               ? 
_entity_src_gen.pdbx_host_org_variant              ? 
_entity_src_gen.pdbx_host_org_cell_line            ? 
_entity_src_gen.pdbx_host_org_atcc                 ? 
_entity_src_gen.pdbx_host_org_culture_collection   ? 
_entity_src_gen.pdbx_host_org_cell                 ? 
_entity_src_gen.pdbx_host_org_organelle            ? 
_entity_src_gen.pdbx_host_org_cellular_location    ? 
_entity_src_gen.pdbx_host_org_vector_type          ? 
_entity_src_gen.pdbx_host_org_vector               ? 
_entity_src_gen.host_org_details                   ? 
_entity_src_gen.expression_system_id               ? 
_entity_src_gen.plasmid_name                       ? 
_entity_src_gen.plasmid_details                    ? 
_entity_src_gen.pdbx_description                   ? 
# 
loop_
_chem_comp.id 
_chem_comp.type 
_chem_comp.mon_nstd_flag 
_chem_comp.name 
_chem_comp.pdbx_synonyms 
_chem_comp.formula 
_chem_comp.formula_weight 
ALA 'L-peptide linking' y ALANINE         ? 'C3 H7 N O2'     89.093  
ARG 'L-peptide linking' y ARGININE        ? 'C6 H15 N4 O2 1' 175.209 
ASN 'L-peptide linking' y ASPARAGINE      ? 'C4 H8 N2 O3'    132.118 
ASP 'L-peptide linking' y 'ASPARTIC ACID' ? 'C4 H7 N O4'     133.103 
CYS 'L-peptide linking' y CYSTEINE        ? 'C3 H7 N O2 S'   121.158 
GLN 'L-peptide linking' y GLUTAMINE       ? 'C5 H10 N2 O3'   146.144 
GLU 'L-peptide linking' y 'GLUTAMIC ACID' ? 'C5 H9 N O4'     147.129 
GLY 'peptide linking'   y GLYCINE         ? 'C2 H5 N O2'     75.067  
HIS 'L-peptide linking' y HISTIDINE       ? 'C6 H10 N3 O2 1' 156.162 
HOH non-polymer         . WATER           ? 'H2 O'           18.015  
ILE 'L-peptide linking' y ISOLEUCINE      ? 'C6 H13 N O2'    131.173 
LEU 'L-peptide linking' y LEUCINE         ? 'C6 H13 N O2'    131.173 
LYS 'L-peptide linking' y LYSINE          ? 'C6 H15 N2 O2 1' 147.195 
PHE 'L-peptide linking' y PHENYLALANINE   ? 'C9 H11 N O2'    165.189 
PRO 'L-peptide linking' y PROLINE         ? 'C5 H9 N O2'     115.130 
SER 'L-peptide linking' y SERINE          ? 'C3 H7 N O3'     105.093 
THR 'L-peptide linking' y THREONINE       ? 'C4 H9 N O3'     119.119 
TRP 'L-peptide linking' y TRYPTOPHAN      ? 'C11 H12 N2 O2'  204.225 
TYR 'L-peptide linking' y TYROSINE        ? 'C9 H11 N O3'    181.189 
VAL 'L-peptide linking' y VALINE          ? 'C5 H11 N O2'    117.146 
# 
loop_
_pdbx_poly_seq_scheme.asym_id 
_pdbx_poly_seq_scheme.entity_id 
_pdbx_poly_seq_scheme.seq_id 
_pdbx_poly_seq_scheme.mon_id 
_pdbx_poly_seq_scheme.ndb_seq_num 
_pdbx_poly_seq_scheme.pdb_seq_num 
_pdbx_poly_seq_scheme.auth_seq_num 
_pdbx_poly_seq_scheme.pdb_mon_id 
_pdbx_poly_seq_scheme.auth_mon_id 
_pdbx_poly_seq_scheme.pdb_strand_id 
_pdbx_poly_seq_scheme.pdb_ins_code 
_pdbx_poly_seq_scheme.hetero 
A 1 1  SER 1  1  ?  ?   ?   A . n 
A 1 2  ALA 2  2  ?  ?   ?   A . n 
A 1 3  LYS 3  3  ?  ?   ?   A . n 
A 1 4  GLU 4  4  ?  ?   ?   A . n 
A 1 5  LEU 5  5  5  LEU LEU A . n 
A 1 6  ARG 6  6  6  ARG ARG A . n 
A 1 7  CYS 7  7  7  CYS CYS A . n 
A 1 8  GLN 8  8  8  GLN GLN A . n 
A 1 9  CYS 9  9  9  CYS CYS A . n 
A 1 10 ILE 10 10 10 ILE ILE A . n 
A 1 11 LYS 11 11 11 LYS LYS A . n 
A 1 12 THR 12 12 12 THR THR A . n 
A 1 13 TYR 13 13 13 TYR TYR A . n 
A 1 14 SER 14 14 14 SER SER A . n 
A 1 15 LYS 15 15 15 LYS LYS A . n 
A 1 16 PRO 16 16 16 PRO PRO A . n 
A 1 17 PHE 17 17 17 PHE PHE A . n 
A 1 18 HIS 18 18 18 HIS HIS A . n 
A 1 19 PRO 19 19 19 PRO PRO A . n 
A 1 20 LYS 20 20 20 LYS LYS A . n 
A 1 21 PHE 21 21 21 PHE PHE A . n 
A 1 22 ILE 22 22 22 ILE ILE A . n 
A 1 23 LYS 23 23 23 LYS LYS A . n 
A 1 24 GLU 24 24 24 GLU GLU A . n 
A 1 25 LEU 25 25 25 LEU LEU A . n 
A 1 26 ARG 26 26 26 ARG ARG A . n 
A 1 27 VAL 27 27 27 VAL VAL A . n 
A 1 28 ILE 28 28 28 ILE ILE A . n 
A 1 29 GLU 29 29 29 GLU GLU A . n 
A 1 30 SER 30 30 30 SER SER A . n 
A 1 31 GLY 31 31 31 GLY GLY A . n 
A 1 32 PRO 32 32 32 PRO PRO A . n 
A 1 33 HIS 33 33 33 HIS HIS A . n 
A 1 34 CYS 34 34 34 CYS CYS A . n 
A 1 35 ALA 35 35 35 ALA ALA A . n 
A 1 36 ASN 36 36 36 ASN ASN A . n 
A 1 37 THR 37 37 37 THR THR A . n 
A 1 38 GLU 38 38 38 GLU GLU A . n 
A 1 39 ILE 39 39 39 ILE ILE A . n 
A 1 40 ILE 40 40 40 ILE ILE A . n 
A 1 41 VAL 41 41 41 VAL VAL A . n 
A 1 42 LYS 42 42 42 LYS LYS A . n 
A 1 43 LEU 43 43 43 LEU LEU A . n 
A 1 44 SER 44 44 44 SER SER A . n 
A 1 45 ASP 45 45 45 ASP ASP A . n 
A 1 46 GLY 46 46 46 GLY GLY A . n 
A 1 47 ARG 47 47 47 ARG ARG A . n 
A 1 48 GLU 48 48 48 GLU GLU A . n 
A 1 49 LEU 49 49 49 LEU LEU A . n 
A 1 50 CYS 50 50 50 CYS CYS A . n 
A 1 51 LEU 51 51 51 LEU LEU A . n 
A 1 52 ASP 52 52 52 ASP ASP A . n 
A 1 53 PRO 53 53 53 PRO PRO A . n 
A 1 54 LYS 54 54 54 LYS LYS A . n 
A 1 55 GLU 55 55 55 GLU GLU A . n 
A 1 56 ASN 56 56 56 ASN ASN A . n 
A 1 57 TRP 57 57 57 TRP TRP A . n 
A 1 58 VAL 58 58 58 VAL VAL A . n 
A 1 59 GLN 59 59 59 GLN GLN A . n 
A 1 60 ARG 60 60 60 ARG ARG A . n 
A 1 61 VAL 61 61 61 VAL VAL A . n 
A 1 62 VAL 62 62 62 VAL VAL A . n 
A 1 63 GLU 63 63 63 GLU GLU A . n 
A 1 64 LYS 64 64 64 LYS LYS A . n 
A 1 65 PHE 65 65 65 PHE PHE A . n 
A 1 66 LEU 66 66 66 LEU LEU A . n 
A 1 67 LYS 67 67 67 LYS LYS A . n 
A 1 68 ARG 68 68 68 ARG ARG A . n 
A 1 69 ALA 69 69 69 ALA ALA A . n 
A 1 70 GLU 70 70 70 GLU GLU A . n 
A 1 71 ASN 71 71 71 ASN ASN A . n 
A 1 72 SER 72 72 72 SER SER A . n 
# 
loop_
_pdbx_nonpoly_scheme.asym_id 
_pdbx_nonpoly_scheme.entity_id 
_pdbx_nonpoly_scheme.mon_id 
_pdbx_nonpoly_scheme.ndb_seq_num 
_pdbx_nonpoly_scheme.pdb_seq_num 
_pdbx_nonpoly_scheme.auth_seq_num 
_pdbx_nonpoly_scheme.pdb_mon_id 
_pdbx_nonpoly_scheme.auth_mon_id 
_pdbx_nonpoly_scheme.pdb_strand_id 
_pdbx_nonpoly_scheme.pdb_ins_code 
B 2 HOH 1   201 201 HOH HOH A . 
B 2 HOH 2   202 202 HOH HOH A . 
B 2 HOH 3   203 203 HOH HOH A . 
B 2 HOH 4   204 204 HOH HOH A . 
B 2 HOH 5   205 205 HOH HOH A . 
B 2 HOH 6   206 206 HOH HOH A . 
B 2 HOH 7   207 207 HOH HOH A . 
B 2 HOH 8   208 208 HOH HOH A . 
B 2 HOH 9   209 209 HOH HOH A . 
B 2 HOH 10  210 210 HOH HOH A . 
B 2 HOH 11  211 211 HOH HOH A . 
B 2 HOH 12  214 214 HOH HOH A . 
B 2 HOH 13  215 215 HOH HOH A . 
B 2 HOH 14  217 217 HOH HOH A . 
B 2 HOH 15  218 218 HOH HOH A . 
B 2 HOH 16  220 220 HOH HOH A . 
B 2 HOH 17  222 222 HOH HOH A . 
B 2 HOH 18  223 223 HOH HOH A . 
B 2 HOH 19  224 224 HOH HOH A . 
B 2 HOH 20  226 226 HOH HOH A . 
B 2 HOH 21  227 227 HOH HOH A . 
B 2 HOH 22  228 228 HOH HOH A . 
B 2 HOH 23  230 230 HOH HOH A . 
B 2 HOH 24  233 233 HOH HOH A . 
B 2 HOH 25  235 235 HOH HOH A . 
B 2 HOH 26  238 238 HOH HOH A . 
B 2 HOH 27  239 239 HOH HOH A . 
B 2 HOH 28  240 240 HOH HOH A . 
B 2 HOH 29  243 243 HOH HOH A . 
B 2 HOH 30  402 402 HOH HOH A . 
B 2 HOH 31  403 403 HOH HOH A . 
B 2 HOH 32  404 404 HOH HOH A . 
B 2 HOH 33  405 405 HOH HOH A . 
B 2 HOH 34  407 407 HOH HOH A . 
B 2 HOH 35  411 411 HOH HOH A . 
B 2 HOH 36  412 412 HOH HOH A . 
B 2 HOH 37  416 416 HOH HOH A . 
B 2 HOH 38  417 417 HOH HOH A . 
B 2 HOH 39  501 501 HOH HOH A . 
B 2 HOH 40  502 502 HOH HOH A . 
B 2 HOH 41  503 503 HOH HOH A . 
B 2 HOH 42  505 505 HOH HOH A . 
B 2 HOH 43  507 507 HOH HOH A . 
B 2 HOH 44  508 508 HOH HOH A . 
B 2 HOH 45  512 512 HOH HOH A . 
B 2 HOH 46  517 517 HOH HOH A . 
B 2 HOH 47  518 518 HOH HOH A . 
B 2 HOH 48  519 519 HOH HOH A . 
B 2 HOH 49  520 520 HOH HOH A . 
B 2 HOH 50  521 521 HOH HOH A . 
B 2 HOH 51  522 522 HOH HOH A . 
B 2 HOH 52  524 524 HOH HOH A . 
B 2 HOH 53  525 525 HOH HOH A . 
B 2 HOH 54  526 526 HOH HOH A . 
B 2 HOH 55  531 531 HOH HOH A . 
B 2 HOH 56  532 532 HOH HOH A . 
B 2 HOH 57  534 534 HOH HOH A . 
B 2 HOH 58  537 537 HOH HOH A . 
B 2 HOH 59  540 540 HOH HOH A . 
B 2 HOH 60  541 541 HOH HOH A . 
B 2 HOH 61  546 546 HOH HOH A . 
B 2 HOH 62  557 557 HOH HOH A . 
B 2 HOH 63  561 561 HOH HOH A . 
B 2 HOH 64  562 562 HOH HOH A . 
B 2 HOH 65  563 563 HOH HOH A . 
B 2 HOH 66  565 565 HOH HOH A . 
B 2 HOH 67  570 570 HOH HOH A . 
B 2 HOH 68  601 601 HOH HOH A . 
B 2 HOH 69  602 602 HOH HOH A . 
B 2 HOH 70  603 603 HOH HOH A . 
B 2 HOH 71  604 604 HOH HOH A . 
B 2 HOH 72  605 605 HOH HOH A . 
B 2 HOH 73  606 606 HOH HOH A . 
B 2 HOH 74  608 608 HOH HOH A . 
B 2 HOH 75  609 609 HOH HOH A . 
B 2 HOH 76  610 610 HOH HOH A . 
B 2 HOH 77  611 611 HOH HOH A . 
B 2 HOH 78  612 612 HOH HOH A . 
B 2 HOH 79  621 621 HOH HOH A . 
B 2 HOH 80  622 622 HOH HOH A . 
B 2 HOH 81  623 623 HOH HOH A . 
B 2 HOH 82  625 625 HOH HOH A . 
B 2 HOH 83  626 626 HOH HOH A . 
B 2 HOH 84  627 627 HOH HOH A . 
B 2 HOH 85  628 628 HOH HOH A . 
B 2 HOH 86  630 630 HOH HOH A . 
B 2 HOH 87  631 631 HOH HOH A . 
B 2 HOH 88  633 633 HOH HOH A . 
B 2 HOH 89  634 634 HOH HOH A . 
B 2 HOH 90  636 636 HOH HOH A . 
B 2 HOH 91  638 638 HOH HOH A . 
B 2 HOH 92  639 639 HOH HOH A . 
B 2 HOH 93  640 640 HOH HOH A . 
B 2 HOH 94  641 641 HOH HOH A . 
B 2 HOH 95  642 642 HOH HOH A . 
B 2 HOH 96  723 723 HOH HOH A . 
B 2 HOH 97  724 724 HOH HOH A . 
B 2 HOH 98  727 727 HOH HOH A . 
B 2 HOH 99  729 729 HOH HOH A . 
B 2 HOH 100 731 731 HOH HOH A . 
B 2 HOH 101 732 732 HOH HOH A . 
B 2 HOH 102 735 735 HOH HOH A . 
B 2 HOH 103 736 736 HOH HOH A . 
B 2 HOH 104 801 801 HOH HOH A . 
B 2 HOH 105 802 802 HOH HOH A . 
B 2 HOH 106 805 805 HOH HOH A . 
B 2 HOH 107 807 807 HOH HOH A . 
B 2 HOH 108 808 808 HOH HOH A . 
B 2 HOH 109 809 809 HOH HOH A . 
B 2 HOH 110 810 810 HOH HOH A . 
B 2 HOH 111 811 811 HOH HOH A . 
B 2 HOH 112 814 814 HOH HOH A . 
B 2 HOH 113 831 831 HOH HOH A . 
B 2 HOH 114 833 833 HOH HOH A . 
B 2 HOH 115 835 835 HOH HOH A . 
B 2 HOH 116 841 841 HOH HOH A . 
B 2 HOH 117 842 842 HOH HOH A . 
B 2 HOH 118 845 845 HOH HOH A . 
B 2 HOH 119 846 846 HOH HOH A . 
B 2 HOH 120 847 847 HOH HOH A . 
B 2 HOH 121 848 848 HOH HOH A . 
B 2 HOH 122 849 849 HOH HOH A . 
B 2 HOH 123 850 850 HOH HOH A . 
B 2 HOH 124 851 851 HOH HOH A . 
B 2 HOH 125 852 852 HOH HOH A . 
B 2 HOH 126 854 854 HOH HOH A . 
B 2 HOH 127 856 856 HOH HOH A . 
B 2 HOH 128 864 864 HOH HOH A . 
B 2 HOH 129 866 866 HOH HOH A . 
B 2 HOH 130 868 868 HOH HOH A . 
B 2 HOH 131 869 869 HOH HOH A . 
B 2 HOH 132 870 870 HOH HOH A . 
B 2 HOH 133 871 871 HOH HOH A . 
B 2 HOH 134 879 879 HOH HOH A . 
B 2 HOH 135 880 880 HOH HOH A . 
# 
_software.name             PROLSQ 
_software.classification   refinement 
_software.version          . 
_software.citation_id      ? 
_software.pdbx_ordinal     1 
# 
_cell.entry_id           3IL8 
_cell.length_a           40.300 
_cell.length_b           40.300 
_cell.length_c           90.100 
_cell.angle_alpha        90.00 
_cell.angle_beta         90.00 
_cell.angle_gamma        120.00 
_cell.Z_PDB              6 
_cell.pdbx_unique_axis   ? 
_cell.length_a_esd       ? 
_cell.length_b_esd       ? 
_cell.length_c_esd       ? 
_cell.angle_alpha_esd    ? 
_cell.angle_beta_esd     ? 
_cell.angle_gamma_esd    ? 
# 
_symmetry.entry_id                         3IL8 
_symmetry.space_group_name_H-M             'P 31 2 1' 
_symmetry.pdbx_full_space_group_name_H-M   ? 
_symmetry.cell_setting                     ? 
_symmetry.Int_Tables_number                152 
_symmetry.space_group_name_Hall            ? 
# 
_exptl.entry_id          3IL8 
_exptl.method            'X-RAY DIFFRACTION' 
_exptl.crystals_number   ? 
# 
_exptl_crystal.id                    1 
_exptl_crystal.density_meas          ? 
_exptl_crystal.density_Matthews      2.51 
_exptl_crystal.density_percent_sol   51.05 
_exptl_crystal.description           ? 
_exptl_crystal.F_000                 ? 
_exptl_crystal.preparation           ? 
# 
_diffrn.id                     1 
_diffrn.ambient_temp           ? 
_diffrn.ambient_temp_details   ? 
_diffrn.crystal_id             1 
# 
_diffrn_radiation.diffrn_id                        1 
_diffrn_radiation.wavelength_id                    1 
_diffrn_radiation.monochromator                    ? 
_diffrn_radiation.pdbx_monochromatic_or_laue_m_l   ? 
_diffrn_radiation.pdbx_diffrn_protocol             ? 
_diffrn_radiation.pdbx_scattering_type             x-ray 
# 
_diffrn_radiation_wavelength.id           1 
_diffrn_radiation_wavelength.wavelength   . 
_diffrn_radiation_wavelength.wt           1.0 
# 
_refine.entry_id                                 3IL8 
_refine.ls_number_reflns_obs                     ? 
_refine.ls_number_reflns_all                     ? 
_refine.pdbx_ls_sigma_I                          ? 
_refine.pdbx_ls_sigma_F                          ? 
_refine.pdbx_data_cutoff_high_absF               ? 
_refine.pdbx_data_cutoff_low_absF                ? 
_refine.pdbx_data_cutoff_high_rms_absF           ? 
_refine.ls_d_res_low                             ? 
_refine.ls_d_res_high                            2.0 
_refine.ls_percent_reflns_obs                    ? 
_refine.ls_R_factor_obs                          0.187 
_refine.ls_R_factor_all                          ? 
_refine.ls_R_factor_R_work                       ? 
_refine.ls_R_factor_R_free                       ? 
_refine.ls_R_factor_R_free_error                 ? 
_refine.ls_R_factor_R_free_error_details         ? 
_refine.ls_percent_reflns_R_free                 ? 
_refine.ls_number_reflns_R_free                  ? 
_refine.ls_number_parameters                     ? 
_refine.ls_number_restraints                     ? 
_refine.occupancy_min                            ? 
_refine.occupancy_max                            ? 
_refine.B_iso_mean                               ? 
_refine.aniso_B[1][1]                            ? 
_refine.aniso_B[2][2]                            ? 
_refine.aniso_B[3][3]                            ? 
_refine.aniso_B[1][2]                            ? 
_refine.aniso_B[1][3]                            ? 
_refine.aniso_B[2][3]                            ? 
_refine.solvent_model_details                    ? 
_refine.solvent_model_param_ksol                 ? 
_refine.solvent_model_param_bsol                 ? 
_refine.pdbx_ls_cross_valid_method               ? 
_refine.details                                  ? 
_refine.pdbx_starting_model                      ? 
_refine.pdbx_method_to_determine_struct          ? 
_refine.pdbx_isotropic_thermal_model             ? 
_refine.pdbx_stereochemistry_target_values       ? 
_refine.pdbx_stereochem_target_val_spec_case     ? 
_refine.pdbx_R_Free_selection_details            ? 
_refine.pdbx_overall_ESU_R                       ? 
_refine.pdbx_overall_ESU_R_Free                  ? 
_refine.overall_SU_ML                            ? 
_refine.overall_SU_B                             ? 
_refine.pdbx_refine_id                           'X-RAY DIFFRACTION' 
_refine.ls_redundancy_reflns_obs                 ? 
_refine.pdbx_overall_phase_error                 ? 
_refine.B_iso_min                                ? 
_refine.B_iso_max                                ? 
_refine.correlation_coeff_Fo_to_Fc               ? 
_refine.correlation_coeff_Fo_to_Fc_free          ? 
_refine.pdbx_solvent_vdw_probe_radii             ? 
_refine.pdbx_solvent_ion_probe_radii             ? 
_refine.pdbx_solvent_shrinkage_radii             ? 
_refine.overall_SU_R_Cruickshank_DPI             ? 
_refine.overall_SU_R_free                        ? 
_refine.ls_wR_factor_R_free                      ? 
_refine.ls_wR_factor_R_work                      ? 
_refine.overall_FOM_free_R_set                   ? 
_refine.overall_FOM_work_R_set                   ? 
_refine.pdbx_diffrn_id                           1 
_refine.pdbx_TLS_residual_ADP_flag               ? 
_refine.pdbx_overall_SU_R_free_Cruickshank_DPI   ? 
_refine.pdbx_overall_SU_R_Blow_DPI               ? 
_refine.pdbx_overall_SU_R_free_Blow_DPI          ? 
# 
_refine_hist.pdbx_refine_id                   'X-RAY DIFFRACTION' 
_refine_hist.cycle_id                         LAST 
_refine_hist.pdbx_number_atoms_protein        558 
_refine_hist.pdbx_number_atoms_nucleic_acid   0 
_refine_hist.pdbx_number_atoms_ligand         0 
_refine_hist.number_atoms_solvent             135 
_refine_hist.number_atoms_total               693 
_refine_hist.d_res_high                       2.0 
_refine_hist.d_res_low                        . 
# 
loop_
_refine_ls_restr.type 
_refine_ls_restr.dev_ideal 
_refine_ls_restr.dev_ideal_target 
_refine_ls_restr.weight 
_refine_ls_restr.number 
_refine_ls_restr.pdbx_refine_id 
_refine_ls_restr.pdbx_restraint_function 
p_bond_d            0.019 ? ? ? 'X-RAY DIFFRACTION' ? 
p_angle_d           ?     ? ? ? 'X-RAY DIFFRACTION' ? 
p_angle_deg         ?     ? ? ? 'X-RAY DIFFRACTION' ? 
p_planar_d          ?     ? ? ? 'X-RAY DIFFRACTION' ? 
p_hb_or_metal_coord ?     ? ? ? 'X-RAY DIFFRACTION' ? 
p_mcbond_it         ?     ? ? ? 'X-RAY DIFFRACTION' ? 
p_mcangle_it        ?     ? ? ? 'X-RAY DIFFRACTION' ? 
p_scbond_it         ?     ? ? ? 'X-RAY DIFFRACTION' ? 
p_scangle_it        ?     ? ? ? 'X-RAY DIFFRACTION' ? 
p_plane_restr       ?     ? ? ? 'X-RAY DIFFRACTION' ? 
p_chiral_restr      ?     ? ? ? 'X-RAY DIFFRACTION' ? 
p_singtor_nbd       ?     ? ? ? 'X-RAY DIFFRACTION' ? 
p_multtor_nbd       ?     ? ? ? 'X-RAY DIFFRACTION' ? 
p_xhyhbond_nbd      ?     ? ? ? 'X-RAY DIFFRACTION' ? 
p_xyhbond_nbd       ?     ? ? ? 'X-RAY DIFFRACTION' ? 
p_planar_tor        ?     ? ? ? 'X-RAY DIFFRACTION' ? 
p_staggered_tor     ?     ? ? ? 'X-RAY DIFFRACTION' ? 
p_orthonormal_tor   ?     ? ? ? 'X-RAY DIFFRACTION' ? 
p_transverse_tor    ?     ? ? ? 'X-RAY DIFFRACTION' ? 
p_special_tor       ?     ? ? ? 'X-RAY DIFFRACTION' ? 
# 
_struct.entry_id                  3IL8 
_struct.title                     'CRYSTAL STRUCTURE OF INTERLEUKIN 8: SYMBIOSIS OF NMR AND CRYSTALLOGRAPHY' 
_struct.pdbx_model_details        ? 
_struct.pdbx_CASP_flag            ? 
_struct.pdbx_model_type_details   ? 
# 
_struct_keywords.entry_id        3IL8 
_struct_keywords.pdbx_keywords   CYTOKINE 
_struct_keywords.text            CYTOKINE 
# 
loop_
_struct_asym.id 
_struct_asym.pdbx_blank_PDB_chainid_flag 
_struct_asym.pdbx_modified 
_struct_asym.entity_id 
_struct_asym.details 
A N N 1 ? 
B N N 2 ? 
# 
_struct_ref.id                         1 
_struct_ref.db_name                    UNP 
_struct_ref.db_code                    IL8_HUMAN 
_struct_ref.entity_id                  1 
_struct_ref.pdbx_db_accession          P10145 
_struct_ref.pdbx_align_begin           1 
_struct_ref.pdbx_seq_one_letter_code   
;MTSKLAVALLAAFLISAALCEGAVLPRSAKELRCQCIKTYSKPFHPKFIKELRVIESGPHCANTEIIVKLSDGRELCLDP
KENWVQRVVEKFLKRAENS
;
_struct_ref.pdbx_db_isoform            ? 
# 
_struct_ref_seq.align_id                      1 
_struct_ref_seq.ref_id                        1 
_struct_ref_seq.pdbx_PDB_id_code              3IL8 
_struct_ref_seq.pdbx_strand_id                A 
_struct_ref_seq.seq_align_beg                 1 
_struct_ref_seq.pdbx_seq_align_beg_ins_code   ? 
_struct_ref_seq.seq_align_end                 72 
_struct_ref_seq.pdbx_seq_align_end_ins_code   ? 
_struct_ref_seq.pdbx_db_accession             P10145 
_struct_ref_seq.db_align_beg                  28 
_struct_ref_seq.pdbx_db_align_beg_ins_code    ? 
_struct_ref_seq.db_align_end                  99 
_struct_ref_seq.pdbx_db_align_end_ins_code    ? 
_struct_ref_seq.pdbx_auth_seq_align_beg       1 
_struct_ref_seq.pdbx_auth_seq_align_end       72 
# 
_pdbx_struct_assembly.id                   1 
_pdbx_struct_assembly.details              author_defined_assembly 
_pdbx_struct_assembly.method_details       ? 
_pdbx_struct_assembly.oligomeric_details   dimeric 
_pdbx_struct_assembly.oligomeric_count     2 
# 
_pdbx_struct_assembly_gen.assembly_id       1 
_pdbx_struct_assembly_gen.oper_expression   1,2 
_pdbx_struct_assembly_gen.asym_id_list      A,B 
# 
loop_
_pdbx_struct_oper_list.id 
_pdbx_struct_oper_list.type 
_pdbx_struct_oper_list.name 
_pdbx_struct_oper_list.symmetry_operation 
_pdbx_struct_oper_list.matrix[1][1] 
_pdbx_struct_oper_list.matrix[1][2] 
_pdbx_struct_oper_list.matrix[1][3] 
_pdbx_struct_oper_list.vector[1] 
_pdbx_struct_oper_list.matrix[2][1] 
_pdbx_struct_oper_list.matrix[2][2] 
_pdbx_struct_oper_list.matrix[2][3] 
_pdbx_struct_oper_list.vector[2] 
_pdbx_struct_oper_list.matrix[3][1] 
_pdbx_struct_oper_list.matrix[3][2] 
_pdbx_struct_oper_list.matrix[3][3] 
_pdbx_struct_oper_list.vector[3] 
1 'identity operation'         1_555 x,y,z  1.0000000000  0.0000000000 0.0000000000  0.0000000000   0.0000000000 1.0000000000  0.0000000000  0.0000000000 0.0000000000  0.0000000000  1.0000000000 0.0000000000  
2 'crystal symmetry operation' 4_555 y,x,-z -0.4412940192 0.0564005916 -0.8955883887 -11.2624827919 0.0564005916 -0.9943064387 -0.0904084021 6.7403596683 -0.8955883887 -0.0904084021 0.4356004579 -6.6015329105 
# 
_struct_biol.id        1 
_struct_biol.details   ? 
# 
loop_
_struct_conf.conf_type_id 
_struct_conf.id 
_struct_conf.pdbx_PDB_helix_id 
_struct_conf.beg_label_comp_id 
_struct_conf.beg_label_asym_id 
_struct_conf.beg_label_seq_id 
_struct_conf.pdbx_beg_PDB_ins_code 
_struct_conf.end_label_comp_id 
_struct_conf.end_label_asym_id 
_struct_conf.end_label_seq_id 
_struct_conf.pdbx_end_PDB_ins_code 
_struct_conf.beg_auth_comp_id 
_struct_conf.beg_auth_asym_id 
_struct_conf.beg_auth_seq_id 
_struct_conf.end_auth_comp_id 
_struct_conf.end_auth_asym_id 
_struct_conf.end_auth_seq_id 
_struct_conf.pdbx_PDB_helix_class 
_struct_conf.details 
_struct_conf.pdbx_PDB_helix_length 
HELX_P HELX_P1 1 HIS A 18 ? LYS A 20 ? HIS A 18 LYS A 20 5 ? 3  
HELX_P HELX_P2 2 GLU A 55 ? ASN A 71 ? GLU A 55 ASN A 71 1 ? 17 
# 
_struct_conf_type.id          HELX_P 
_struct_conf_type.criteria    ? 
_struct_conf_type.reference   ? 
# 
loop_
_struct_conn.id 
_struct_conn.conn_type_id 
_struct_conn.pdbx_leaving_atom_flag 
_struct_conn.pdbx_PDB_id 
_struct_conn.ptnr1_label_asym_id 
_struct_conn.ptnr1_label_comp_id 
_struct_conn.ptnr1_label_seq_id 
_struct_conn.ptnr1_label_atom_id 
_struct_conn.pdbx_ptnr1_label_alt_id 
_struct_conn.pdbx_ptnr1_PDB_ins_code 
_struct_conn.pdbx_ptnr1_standard_comp_id 
_struct_conn.ptnr1_symmetry 
_struct_conn.ptnr2_label_asym_id 
_struct_conn.ptnr2_label_comp_id 
_struct_conn.ptnr2_label_seq_id 
_struct_conn.ptnr2_label_atom_id 
_struct_conn.pdbx_ptnr2_label_alt_id 
_struct_conn.pdbx_ptnr2_PDB_ins_code 
_struct_conn.ptnr1_auth_asym_id 
_struct_conn.ptnr1_auth_comp_id 
_struct_conn.ptnr1_auth_seq_id 
_struct_conn.ptnr2_auth_asym_id 
_struct_conn.ptnr2_auth_comp_id 
_struct_conn.ptnr2_auth_seq_id 
_struct_conn.ptnr2_symmetry 
_struct_conn.pdbx_ptnr3_label_atom_id 
_struct_conn.pdbx_ptnr3_label_seq_id 
_struct_conn.pdbx_ptnr3_label_comp_id 
_struct_conn.pdbx_ptnr3_label_asym_id 
_struct_conn.pdbx_ptnr3_label_alt_id 
_struct_conn.pdbx_ptnr3_PDB_ins_code 
_struct_conn.details 
_struct_conn.pdbx_dist_value 
_struct_conn.pdbx_value_order 
_struct_conn.pdbx_role 
disulf1 disulf ? ? A CYS 7 SG ? ? ? 1_555 A CYS 34 SG ? ? A CYS 7 A CYS 34 1_555 ? ? ? ? ? ? ? 2.021 ? ? 
disulf2 disulf ? ? A CYS 9 SG ? ? ? 1_555 A CYS 50 SG ? ? A CYS 9 A CYS 50 1_555 ? ? ? ? ? ? ? 2.088 ? ? 
# 
_struct_conn_type.id          disulf 
_struct_conn_type.criteria    ? 
_struct_conn_type.reference   ? 
# 
loop_
_pdbx_modification_feature.ordinal 
_pdbx_modification_feature.label_comp_id 
_pdbx_modification_feature.label_asym_id 
_pdbx_modification_feature.label_seq_id 
_pdbx_modification_feature.label_alt_id 
_pdbx_modification_feature.modified_residue_label_comp_id 
_pdbx_modification_feature.modified_residue_label_asym_id 
_pdbx_modification_feature.modified_residue_label_seq_id 
_pdbx_modification_feature.modified_residue_label_alt_id 
_pdbx_modification_feature.auth_comp_id 
_pdbx_modification_feature.auth_asym_id 
_pdbx_modification_feature.auth_seq_id 
_pdbx_modification_feature.PDB_ins_code 
_pdbx_modification_feature.symmetry 
_pdbx_modification_feature.modified_residue_auth_comp_id 
_pdbx_modification_feature.modified_residue_auth_asym_id 
_pdbx_modification_feature.modified_residue_auth_seq_id 
_pdbx_modification_feature.modified_residue_PDB_ins_code 
_pdbx_modification_feature.modified_residue_symmetry 
_pdbx_modification_feature.comp_id_linking_atom 
_pdbx_modification_feature.modified_residue_id_linking_atom 
_pdbx_modification_feature.modified_residue_id 
_pdbx_modification_feature.ref_pcm_id 
_pdbx_modification_feature.ref_comp_id 
_pdbx_modification_feature.type 
_pdbx_modification_feature.category 
1 CYS A 7 ? CYS A 34 ? CYS A 7 ? 1_555 CYS A 34 ? 1_555 SG SG . . . None 'Disulfide bridge' 
2 CYS A 9 ? CYS A 50 ? CYS A 9 ? 1_555 CYS A 50 ? 1_555 SG SG . . . None 'Disulfide bridge' 
# 
_struct_sheet.id               A 
_struct_sheet.type             ? 
_struct_sheet.number_strands   3 
_struct_sheet.details          ? 
# 
loop_
_struct_sheet_order.sheet_id 
_struct_sheet_order.range_id_1 
_struct_sheet_order.range_id_2 
_struct_sheet_order.offset 
_struct_sheet_order.sense 
A 1 2 ? anti-parallel 
A 2 3 ? anti-parallel 
# 
loop_
_struct_sheet_range.sheet_id 
_struct_sheet_range.id 
_struct_sheet_range.beg_label_comp_id 
_struct_sheet_range.beg_label_asym_id 
_struct_sheet_range.beg_label_seq_id 
_struct_sheet_range.pdbx_beg_PDB_ins_code 
_struct_sheet_range.end_label_comp_id 
_struct_sheet_range.end_label_asym_id 
_struct_sheet_range.end_label_seq_id 
_struct_sheet_range.pdbx_end_PDB_ins_code 
_struct_sheet_range.beg_auth_comp_id 
_struct_sheet_range.beg_auth_asym_id 
_struct_sheet_range.beg_auth_seq_id 
_struct_sheet_range.end_auth_comp_id 
_struct_sheet_range.end_auth_asym_id 
_struct_sheet_range.end_auth_seq_id 
A 1 ILE A 22 ? ILE A 28 ? ILE A 22 ILE A 28 
A 2 GLU A 38 ? LEU A 43 ? GLU A 38 LEU A 43 
A 3 GLU A 48 ? LEU A 51 ? GLU A 48 LEU A 51 
# 
loop_
_pdbx_struct_sheet_hbond.sheet_id 
_pdbx_struct_sheet_hbond.range_id_1 
_pdbx_struct_sheet_hbond.range_id_2 
_pdbx_struct_sheet_hbond.range_1_label_atom_id 
_pdbx_struct_sheet_hbond.range_1_label_comp_id 
_pdbx_struct_sheet_hbond.range_1_label_asym_id 
_pdbx_struct_sheet_hbond.range_1_label_seq_id 
_pdbx_struct_sheet_hbond.range_1_PDB_ins_code 
_pdbx_struct_sheet_hbond.range_1_auth_atom_id 
_pdbx_struct_sheet_hbond.range_1_auth_comp_id 
_pdbx_struct_sheet_hbond.range_1_auth_asym_id 
_pdbx_struct_sheet_hbond.range_1_auth_seq_id 
_pdbx_struct_sheet_hbond.range_2_label_atom_id 
_pdbx_struct_sheet_hbond.range_2_label_comp_id 
_pdbx_struct_sheet_hbond.range_2_label_asym_id 
_pdbx_struct_sheet_hbond.range_2_label_seq_id 
_pdbx_struct_sheet_hbond.range_2_PDB_ins_code 
_pdbx_struct_sheet_hbond.range_2_auth_atom_id 
_pdbx_struct_sheet_hbond.range_2_auth_comp_id 
_pdbx_struct_sheet_hbond.range_2_auth_asym_id 
_pdbx_struct_sheet_hbond.range_2_auth_seq_id 
A 1 2 N ILE A 28 ? N ILE A 28 O GLU A 38 ? O GLU A 38 
A 2 3 N VAL A 41 ? N VAL A 41 O LEU A 49 ? O LEU A 49 
# 
_pdbx_entry_details.entry_id                   3IL8 
_pdbx_entry_details.compound_details           ? 
_pdbx_entry_details.source_details             ? 
_pdbx_entry_details.nonpolymer_details         ? 
_pdbx_entry_details.sequence_details           ? 
_pdbx_entry_details.has_ligand_of_interest     ? 
_pdbx_entry_details.has_protein_modification   Y 
# 
loop_
_pdbx_validate_close_contact.id 
_pdbx_validate_close_contact.PDB_model_num 
_pdbx_validate_close_contact.auth_atom_id_1 
_pdbx_validate_close_contact.auth_asym_id_1 
_pdbx_validate_close_contact.auth_comp_id_1 
_pdbx_validate_close_contact.auth_seq_id_1 
_pdbx_validate_close_contact.PDB_ins_code_1 
_pdbx_validate_close_contact.label_alt_id_1 
_pdbx_validate_close_contact.auth_atom_id_2 
_pdbx_validate_close_contact.auth_asym_id_2 
_pdbx_validate_close_contact.auth_comp_id_2 
_pdbx_validate_close_contact.auth_seq_id_2 
_pdbx_validate_close_contact.PDB_ins_code_2 
_pdbx_validate_close_contact.label_alt_id_2 
_pdbx_validate_close_contact.dist 
1 1 O A HOH 203 ? ? O A HOH 848 ? ? 1.94 
2 1 O A HOH 627 ? ? O A HOH 864 ? ? 1.98 
3 1 O A HOH 201 ? ? O A HOH 848 ? ? 2.12 
4 1 O A HOH 723 ? ? O A HOH 805 ? ? 2.12 
5 1 O A HOH 805 ? ? O A HOH 847 ? ? 2.15 
# 
_pdbx_validate_symm_contact.id                1 
_pdbx_validate_symm_contact.PDB_model_num     1 
_pdbx_validate_symm_contact.auth_atom_id_1    OE2 
_pdbx_validate_symm_contact.auth_asym_id_1    A 
_pdbx_validate_symm_contact.auth_comp_id_1    GLU 
_pdbx_validate_symm_contact.auth_seq_id_1     24 
_pdbx_validate_symm_contact.PDB_ins_code_1    ? 
_pdbx_validate_symm_contact.label_alt_id_1    ? 
_pdbx_validate_symm_contact.site_symmetry_1   1_555 
_pdbx_validate_symm_contact.auth_atom_id_2    O 
_pdbx_validate_symm_contact.auth_asym_id_2    A 
_pdbx_validate_symm_contact.auth_comp_id_2    HOH 
_pdbx_validate_symm_contact.auth_seq_id_2     627 
_pdbx_validate_symm_contact.PDB_ins_code_2    ? 
_pdbx_validate_symm_contact.label_alt_id_2    ? 
_pdbx_validate_symm_contact.site_symmetry_2   4_555 
_pdbx_validate_symm_contact.dist              2.18 
# 
_pdbx_validate_rmsd_bond.id                        1 
_pdbx_validate_rmsd_bond.PDB_model_num             1 
_pdbx_validate_rmsd_bond.auth_atom_id_1            CD 
_pdbx_validate_rmsd_bond.auth_asym_id_1            A 
_pdbx_validate_rmsd_bond.auth_comp_id_1            ARG 
_pdbx_validate_rmsd_bond.auth_seq_id_1             68 
_pdbx_validate_rmsd_bond.PDB_ins_code_1            ? 
_pdbx_validate_rmsd_bond.label_alt_id_1            ? 
_pdbx_validate_rmsd_bond.auth_atom_id_2            NE 
_pdbx_validate_rmsd_bond.auth_asym_id_2            A 
_pdbx_validate_rmsd_bond.auth_comp_id_2            ARG 
_pdbx_validate_rmsd_bond.auth_seq_id_2             68 
_pdbx_validate_rmsd_bond.PDB_ins_code_2            ? 
_pdbx_validate_rmsd_bond.label_alt_id_2            ? 
_pdbx_validate_rmsd_bond.bond_value                1.357 
_pdbx_validate_rmsd_bond.bond_target_value         1.460 
_pdbx_validate_rmsd_bond.bond_deviation            -0.103 
_pdbx_validate_rmsd_bond.bond_standard_deviation   0.017 
_pdbx_validate_rmsd_bond.linker_flag               N 
# 
loop_
_pdbx_validate_rmsd_angle.id 
_pdbx_validate_rmsd_angle.PDB_model_num 
_pdbx_validate_rmsd_angle.auth_atom_id_1 
_pdbx_validate_rmsd_angle.auth_asym_id_1 
_pdbx_validate_rmsd_angle.auth_comp_id_1 
_pdbx_validate_rmsd_angle.auth_seq_id_1 
_pdbx_validate_rmsd_angle.PDB_ins_code_1 
_pdbx_validate_rmsd_angle.label_alt_id_1 
_pdbx_validate_rmsd_angle.auth_atom_id_2 
_pdbx_validate_rmsd_angle.auth_asym_id_2 
_pdbx_validate_rmsd_angle.auth_comp_id_2 
_pdbx_validate_rmsd_angle.auth_seq_id_2 
_pdbx_validate_rmsd_angle.PDB_ins_code_2 
_pdbx_validate_rmsd_angle.label_alt_id_2 
_pdbx_validate_rmsd_angle.auth_atom_id_3 
_pdbx_validate_rmsd_angle.auth_asym_id_3 
_pdbx_validate_rmsd_angle.auth_comp_id_3 
_pdbx_validate_rmsd_angle.auth_seq_id_3 
_pdbx_validate_rmsd_angle.PDB_ins_code_3 
_pdbx_validate_rmsd_angle.label_alt_id_3 
_pdbx_validate_rmsd_angle.angle_value 
_pdbx_validate_rmsd_angle.angle_target_value 
_pdbx_validate_rmsd_angle.angle_deviation 
_pdbx_validate_rmsd_angle.angle_standard_deviation 
_pdbx_validate_rmsd_angle.linker_flag 
1 1 CA A GLU 24 ? ? CB A GLU 24 ? ? CG  A GLU 24 ? ? 128.20 113.40 14.80 2.20 N 
2 1 CB A ASP 45 ? ? CG A ASP 45 ? ? OD2 A ASP 45 ? ? 126.85 118.30 8.55  0.90 N 
3 1 CB A ASP 52 ? ? CG A ASP 52 ? ? OD1 A ASP 52 ? ? 125.28 118.30 6.98  0.90 N 
4 1 CB A ASP 52 ? ? CG A ASP 52 ? ? OD2 A ASP 52 ? ? 110.99 118.30 -7.31 0.90 N 
5 1 CG A ARG 68 ? ? CD A ARG 68 ? ? NE  A ARG 68 ? ? 130.91 111.80 19.11 2.10 N 
6 1 CD A ARG 68 ? ? NE A ARG 68 ? ? CZ  A ARG 68 ? ? 157.51 123.60 33.91 1.40 N 
# 
loop_
_pdbx_validate_torsion.id 
_pdbx_validate_torsion.PDB_model_num 
_pdbx_validate_torsion.auth_comp_id 
_pdbx_validate_torsion.auth_asym_id 
_pdbx_validate_torsion.auth_seq_id 
_pdbx_validate_torsion.PDB_ins_code 
_pdbx_validate_torsion.label_alt_id 
_pdbx_validate_torsion.phi 
_pdbx_validate_torsion.psi 
1 1 ARG A 6  ? ? -73.86  -167.73 
2 1 ASN A 71 ? ? -103.19 41.76   
# 
loop_
_pdbx_unobs_or_zero_occ_residues.id 
_pdbx_unobs_or_zero_occ_residues.PDB_model_num 
_pdbx_unobs_or_zero_occ_residues.polymer_flag 
_pdbx_unobs_or_zero_occ_residues.occupancy_flag 
_pdbx_unobs_or_zero_occ_residues.auth_asym_id 
_pdbx_unobs_or_zero_occ_residues.auth_comp_id 
_pdbx_unobs_or_zero_occ_residues.auth_seq_id 
_pdbx_unobs_or_zero_occ_residues.PDB_ins_code 
_pdbx_unobs_or_zero_occ_residues.label_asym_id 
_pdbx_unobs_or_zero_occ_residues.label_comp_id 
_pdbx_unobs_or_zero_occ_residues.label_seq_id 
1 1 Y 1 A SER 1 ? A SER 1 
2 1 Y 1 A ALA 2 ? A ALA 2 
3 1 Y 1 A LYS 3 ? A LYS 3 
4 1 Y 1 A GLU 4 ? A GLU 4 
# 
loop_
_chem_comp_atom.comp_id 
_chem_comp_atom.atom_id 
_chem_comp_atom.type_symbol 
_chem_comp_atom.pdbx_aromatic_flag 
_chem_comp_atom.pdbx_stereo_config 
_chem_comp_atom.pdbx_ordinal 
ALA N    N N N 1   
ALA CA   C N S 2   
ALA C    C N N 3   
ALA O    O N N 4   
ALA CB   C N N 5   
ALA OXT  O N N 6   
ALA H    H N N 7   
ALA H2   H N N 8   
ALA HA   H N N 9   
ALA HB1  H N N 10  
ALA HB2  H N N 11  
ALA HB3  H N N 12  
ALA HXT  H N N 13  
ARG N    N N N 14  
ARG CA   C N S 15  
ARG C    C N N 16  
ARG O    O N N 17  
ARG CB   C N N 18  
ARG CG   C N N 19  
ARG CD   C N N 20  
ARG NE   N N N 21  
ARG CZ   C N N 22  
ARG NH1  N N N 23  
ARG NH2  N N N 24  
ARG OXT  O N N 25  
ARG H    H N N 26  
ARG H2   H N N 27  
ARG HA   H N N 28  
ARG HB2  H N N 29  
ARG HB3  H N N 30  
ARG HG2  H N N 31  
ARG HG3  H N N 32  
ARG HD2  H N N 33  
ARG HD3  H N N 34  
ARG HE   H N N 35  
ARG HH11 H N N 36  
ARG HH12 H N N 37  
ARG HH21 H N N 38  
ARG HH22 H N N 39  
ARG HXT  H N N 40  
ASN N    N N N 41  
ASN CA   C N S 42  
ASN C    C N N 43  
ASN O    O N N 44  
ASN CB   C N N 45  
ASN CG   C N N 46  
ASN OD1  O N N 47  
ASN ND2  N N N 48  
ASN OXT  O N N 49  
ASN H    H N N 50  
ASN H2   H N N 51  
ASN HA   H N N 52  
ASN HB2  H N N 53  
ASN HB3  H N N 54  
ASN HD21 H N N 55  
ASN HD22 H N N 56  
ASN HXT  H N N 57  
ASP N    N N N 58  
ASP CA   C N S 59  
ASP C    C N N 60  
ASP O    O N N 61  
ASP CB   C N N 62  
ASP CG   C N N 63  
ASP OD1  O N N 64  
ASP OD2  O N N 65  
ASP OXT  O N N 66  
ASP H    H N N 67  
ASP H2   H N N 68  
ASP HA   H N N 69  
ASP HB2  H N N 70  
ASP HB3  H N N 71  
ASP HD2  H N N 72  
ASP HXT  H N N 73  
CYS N    N N N 74  
CYS CA   C N R 75  
CYS C    C N N 76  
CYS O    O N N 77  
CYS CB   C N N 78  
CYS SG   S N N 79  
CYS OXT  O N N 80  
CYS H    H N N 81  
CYS H2   H N N 82  
CYS HA   H N N 83  
CYS HB2  H N N 84  
CYS HB3  H N N 85  
CYS HG   H N N 86  
CYS HXT  H N N 87  
GLN N    N N N 88  
GLN CA   C N S 89  
GLN C    C N N 90  
GLN O    O N N 91  
GLN CB   C N N 92  
GLN CG   C N N 93  
GLN CD   C N N 94  
GLN OE1  O N N 95  
GLN NE2  N N N 96  
GLN OXT  O N N 97  
GLN H    H N N 98  
GLN H2   H N N 99  
GLN HA   H N N 100 
GLN HB2  H N N 101 
GLN HB3  H N N 102 
GLN HG2  H N N 103 
GLN HG3  H N N 104 
GLN HE21 H N N 105 
GLN HE22 H N N 106 
GLN HXT  H N N 107 
GLU N    N N N 108 
GLU CA   C N S 109 
GLU C    C N N 110 
GLU O    O N N 111 
GLU CB   C N N 112 
GLU CG   C N N 113 
GLU CD   C N N 114 
GLU OE1  O N N 115 
GLU OE2  O N N 116 
GLU OXT  O N N 117 
GLU H    H N N 118 
GLU H2   H N N 119 
GLU HA   H N N 120 
GLU HB2  H N N 121 
GLU HB3  H N N 122 
GLU HG2  H N N 123 
GLU HG3  H N N 124 
GLU HE2  H N N 125 
GLU HXT  H N N 126 
GLY N    N N N 127 
GLY CA   C N N 128 
GLY C    C N N 129 
GLY O    O N N 130 
GLY OXT  O N N 131 
GLY H    H N N 132 
GLY H2   H N N 133 
GLY HA2  H N N 134 
GLY HA3  H N N 135 
GLY HXT  H N N 136 
HIS N    N N N 137 
HIS CA   C N S 138 
HIS C    C N N 139 
HIS O    O N N 140 
HIS CB   C N N 141 
HIS CG   C Y N 142 
HIS ND1  N Y N 143 
HIS CD2  C Y N 144 
HIS CE1  C Y N 145 
HIS NE2  N Y N 146 
HIS OXT  O N N 147 
HIS H    H N N 148 
HIS H2   H N N 149 
HIS HA   H N N 150 
HIS HB2  H N N 151 
HIS HB3  H N N 152 
HIS HD1  H N N 153 
HIS HD2  H N N 154 
HIS HE1  H N N 155 
HIS HE2  H N N 156 
HIS HXT  H N N 157 
HOH O    O N N 158 
HOH H1   H N N 159 
HOH H2   H N N 160 
ILE N    N N N 161 
ILE CA   C N S 162 
ILE C    C N N 163 
ILE O    O N N 164 
ILE CB   C N S 165 
ILE CG1  C N N 166 
ILE CG2  C N N 167 
ILE CD1  C N N 168 
ILE OXT  O N N 169 
ILE H    H N N 170 
ILE H2   H N N 171 
ILE HA   H N N 172 
ILE HB   H N N 173 
ILE HG12 H N N 174 
ILE HG13 H N N 175 
ILE HG21 H N N 176 
ILE HG22 H N N 177 
ILE HG23 H N N 178 
ILE HD11 H N N 179 
ILE HD12 H N N 180 
ILE HD13 H N N 181 
ILE HXT  H N N 182 
LEU N    N N N 183 
LEU CA   C N S 184 
LEU C    C N N 185 
LEU O    O N N 186 
LEU CB   C N N 187 
LEU CG   C N N 188 
LEU CD1  C N N 189 
LEU CD2  C N N 190 
LEU OXT  O N N 191 
LEU H    H N N 192 
LEU H2   H N N 193 
LEU HA   H N N 194 
LEU HB2  H N N 195 
LEU HB3  H N N 196 
LEU HG   H N N 197 
LEU HD11 H N N 198 
LEU HD12 H N N 199 
LEU HD13 H N N 200 
LEU HD21 H N N 201 
LEU HD22 H N N 202 
LEU HD23 H N N 203 
LEU HXT  H N N 204 
LYS N    N N N 205 
LYS CA   C N S 206 
LYS C    C N N 207 
LYS O    O N N 208 
LYS CB   C N N 209 
LYS CG   C N N 210 
LYS CD   C N N 211 
LYS CE   C N N 212 
LYS NZ   N N N 213 
LYS OXT  O N N 214 
LYS H    H N N 215 
LYS H2   H N N 216 
LYS HA   H N N 217 
LYS HB2  H N N 218 
LYS HB3  H N N 219 
LYS HG2  H N N 220 
LYS HG3  H N N 221 
LYS HD2  H N N 222 
LYS HD3  H N N 223 
LYS HE2  H N N 224 
LYS HE3  H N N 225 
LYS HZ1  H N N 226 
LYS HZ2  H N N 227 
LYS HZ3  H N N 228 
LYS HXT  H N N 229 
PHE N    N N N 230 
PHE CA   C N S 231 
PHE C    C N N 232 
PHE O    O N N 233 
PHE CB   C N N 234 
PHE CG   C Y N 235 
PHE CD1  C Y N 236 
PHE CD2  C Y N 237 
PHE CE1  C Y N 238 
PHE CE2  C Y N 239 
PHE CZ   C Y N 240 
PHE OXT  O N N 241 
PHE H    H N N 242 
PHE H2   H N N 243 
PHE HA   H N N 244 
PHE HB2  H N N 245 
PHE HB3  H N N 246 
PHE HD1  H N N 247 
PHE HD2  H N N 248 
PHE HE1  H N N 249 
PHE HE2  H N N 250 
PHE HZ   H N N 251 
PHE HXT  H N N 252 
PRO N    N N N 253 
PRO CA   C N S 254 
PRO C    C N N 255 
PRO O    O N N 256 
PRO CB   C N N 257 
PRO CG   C N N 258 
PRO CD   C N N 259 
PRO OXT  O N N 260 
PRO H    H N N 261 
PRO HA   H N N 262 
PRO HB2  H N N 263 
PRO HB3  H N N 264 
PRO HG2  H N N 265 
PRO HG3  H N N 266 
PRO HD2  H N N 267 
PRO HD3  H N N 268 
PRO HXT  H N N 269 
SER N    N N N 270 
SER CA   C N S 271 
SER C    C N N 272 
SER O    O N N 273 
SER CB   C N N 274 
SER OG   O N N 275 
SER OXT  O N N 276 
SER H    H N N 277 
SER H2   H N N 278 
SER HA   H N N 279 
SER HB2  H N N 280 
SER HB3  H N N 281 
SER HG   H N N 282 
SER HXT  H N N 283 
THR N    N N N 284 
THR CA   C N S 285 
THR C    C N N 286 
THR O    O N N 287 
THR CB   C N R 288 
THR OG1  O N N 289 
THR CG2  C N N 290 
THR OXT  O N N 291 
THR H    H N N 292 
THR H2   H N N 293 
THR HA   H N N 294 
THR HB   H N N 295 
THR HG1  H N N 296 
THR HG21 H N N 297 
THR HG22 H N N 298 
THR HG23 H N N 299 
THR HXT  H N N 300 
TRP N    N N N 301 
TRP CA   C N S 302 
TRP C    C N N 303 
TRP O    O N N 304 
TRP CB   C N N 305 
TRP CG   C Y N 306 
TRP CD1  C Y N 307 
TRP CD2  C Y N 308 
TRP NE1  N Y N 309 
TRP CE2  C Y N 310 
TRP CE3  C Y N 311 
TRP CZ2  C Y N 312 
TRP CZ3  C Y N 313 
TRP CH2  C Y N 314 
TRP OXT  O N N 315 
TRP H    H N N 316 
TRP H2   H N N 317 
TRP HA   H N N 318 
TRP HB2  H N N 319 
TRP HB3  H N N 320 
TRP HD1  H N N 321 
TRP HE1  H N N 322 
TRP HE3  H N N 323 
TRP HZ2  H N N 324 
TRP HZ3  H N N 325 
TRP HH2  H N N 326 
TRP HXT  H N N 327 
TYR N    N N N 328 
TYR CA   C N S 329 
TYR C    C N N 330 
TYR O    O N N 331 
TYR CB   C N N 332 
TYR CG   C Y N 333 
TYR CD1  C Y N 334 
TYR CD2  C Y N 335 
TYR CE1  C Y N 336 
TYR CE2  C Y N 337 
TYR CZ   C Y N 338 
TYR OH   O N N 339 
TYR OXT  O N N 340 
TYR H    H N N 341 
TYR H2   H N N 342 
TYR HA   H N N 343 
TYR HB2  H N N 344 
TYR HB3  H N N 345 
TYR HD1  H N N 346 
TYR HD2  H N N 347 
TYR HE1  H N N 348 
TYR HE2  H N N 349 
TYR HH   H N N 350 
TYR HXT  H N N 351 
VAL N    N N N 352 
VAL CA   C N S 353 
VAL C    C N N 354 
VAL O    O N N 355 
VAL CB   C N N 356 
VAL CG1  C N N 357 
VAL CG2  C N N 358 
VAL OXT  O N N 359 
VAL H    H N N 360 
VAL H2   H N N 361 
VAL HA   H N N 362 
VAL HB   H N N 363 
VAL HG11 H N N 364 
VAL HG12 H N N 365 
VAL HG13 H N N 366 
VAL HG21 H N N 367 
VAL HG22 H N N 368 
VAL HG23 H N N 369 
VAL HXT  H N N 370 
# 
loop_
_chem_comp_bond.comp_id 
_chem_comp_bond.atom_id_1 
_chem_comp_bond.atom_id_2 
_chem_comp_bond.value_order 
_chem_comp_bond.pdbx_aromatic_flag 
_chem_comp_bond.pdbx_stereo_config 
_chem_comp_bond.pdbx_ordinal 
ALA N   CA   sing N N 1   
ALA N   H    sing N N 2   
ALA N   H2   sing N N 3   
ALA CA  C    sing N N 4   
ALA CA  CB   sing N N 5   
ALA CA  HA   sing N N 6   
ALA C   O    doub N N 7   
ALA C   OXT  sing N N 8   
ALA CB  HB1  sing N N 9   
ALA CB  HB2  sing N N 10  
ALA CB  HB3  sing N N 11  
ALA OXT HXT  sing N N 12  
ARG N   CA   sing N N 13  
ARG N   H    sing N N 14  
ARG N   H2   sing N N 15  
ARG CA  C    sing N N 16  
ARG CA  CB   sing N N 17  
ARG CA  HA   sing N N 18  
ARG C   O    doub N N 19  
ARG C   OXT  sing N N 20  
ARG CB  CG   sing N N 21  
ARG CB  HB2  sing N N 22  
ARG CB  HB3  sing N N 23  
ARG CG  CD   sing N N 24  
ARG CG  HG2  sing N N 25  
ARG CG  HG3  sing N N 26  
ARG CD  NE   sing N N 27  
ARG CD  HD2  sing N N 28  
ARG CD  HD3  sing N N 29  
ARG NE  CZ   sing N N 30  
ARG NE  HE   sing N N 31  
ARG CZ  NH1  sing N N 32  
ARG CZ  NH2  doub N N 33  
ARG NH1 HH11 sing N N 34  
ARG NH1 HH12 sing N N 35  
ARG NH2 HH21 sing N N 36  
ARG NH2 HH22 sing N N 37  
ARG OXT HXT  sing N N 38  
ASN N   CA   sing N N 39  
ASN N   H    sing N N 40  
ASN N   H2   sing N N 41  
ASN CA  C    sing N N 42  
ASN CA  CB   sing N N 43  
ASN CA  HA   sing N N 44  
ASN C   O    doub N N 45  
ASN C   OXT  sing N N 46  
ASN CB  CG   sing N N 47  
ASN CB  HB2  sing N N 48  
ASN CB  HB3  sing N N 49  
ASN CG  OD1  doub N N 50  
ASN CG  ND2  sing N N 51  
ASN ND2 HD21 sing N N 52  
ASN ND2 HD22 sing N N 53  
ASN OXT HXT  sing N N 54  
ASP N   CA   sing N N 55  
ASP N   H    sing N N 56  
ASP N   H2   sing N N 57  
ASP CA  C    sing N N 58  
ASP CA  CB   sing N N 59  
ASP CA  HA   sing N N 60  
ASP C   O    doub N N 61  
ASP C   OXT  sing N N 62  
ASP CB  CG   sing N N 63  
ASP CB  HB2  sing N N 64  
ASP CB  HB3  sing N N 65  
ASP CG  OD1  doub N N 66  
ASP CG  OD2  sing N N 67  
ASP OD2 HD2  sing N N 68  
ASP OXT HXT  sing N N 69  
CYS N   CA   sing N N 70  
CYS N   H    sing N N 71  
CYS N   H2   sing N N 72  
CYS CA  C    sing N N 73  
CYS CA  CB   sing N N 74  
CYS CA  HA   sing N N 75  
CYS C   O    doub N N 76  
CYS C   OXT  sing N N 77  
CYS CB  SG   sing N N 78  
CYS CB  HB2  sing N N 79  
CYS CB  HB3  sing N N 80  
CYS SG  HG   sing N N 81  
CYS OXT HXT  sing N N 82  
GLN N   CA   sing N N 83  
GLN N   H    sing N N 84  
GLN N   H2   sing N N 85  
GLN CA  C    sing N N 86  
GLN CA  CB   sing N N 87  
GLN CA  HA   sing N N 88  
GLN C   O    doub N N 89  
GLN C   OXT  sing N N 90  
GLN CB  CG   sing N N 91  
GLN CB  HB2  sing N N 92  
GLN CB  HB3  sing N N 93  
GLN CG  CD   sing N N 94  
GLN CG  HG2  sing N N 95  
GLN CG  HG3  sing N N 96  
GLN CD  OE1  doub N N 97  
GLN CD  NE2  sing N N 98  
GLN NE2 HE21 sing N N 99  
GLN NE2 HE22 sing N N 100 
GLN OXT HXT  sing N N 101 
GLU N   CA   sing N N 102 
GLU N   H    sing N N 103 
GLU N   H2   sing N N 104 
GLU CA  C    sing N N 105 
GLU CA  CB   sing N N 106 
GLU CA  HA   sing N N 107 
GLU C   O    doub N N 108 
GLU C   OXT  sing N N 109 
GLU CB  CG   sing N N 110 
GLU CB  HB2  sing N N 111 
GLU CB  HB3  sing N N 112 
GLU CG  CD   sing N N 113 
GLU CG  HG2  sing N N 114 
GLU CG  HG3  sing N N 115 
GLU CD  OE1  doub N N 116 
GLU CD  OE2  sing N N 117 
GLU OE2 HE2  sing N N 118 
GLU OXT HXT  sing N N 119 
GLY N   CA   sing N N 120 
GLY N   H    sing N N 121 
GLY N   H2   sing N N 122 
GLY CA  C    sing N N 123 
GLY CA  HA2  sing N N 124 
GLY CA  HA3  sing N N 125 
GLY C   O    doub N N 126 
GLY C   OXT  sing N N 127 
GLY OXT HXT  sing N N 128 
HIS N   CA   sing N N 129 
HIS N   H    sing N N 130 
HIS N   H2   sing N N 131 
HIS CA  C    sing N N 132 
HIS CA  CB   sing N N 133 
HIS CA  HA   sing N N 134 
HIS C   O    doub N N 135 
HIS C   OXT  sing N N 136 
HIS CB  CG   sing N N 137 
HIS CB  HB2  sing N N 138 
HIS CB  HB3  sing N N 139 
HIS CG  ND1  sing Y N 140 
HIS CG  CD2  doub Y N 141 
HIS ND1 CE1  doub Y N 142 
HIS ND1 HD1  sing N N 143 
HIS CD2 NE2  sing Y N 144 
HIS CD2 HD2  sing N N 145 
HIS CE1 NE2  sing Y N 146 
HIS CE1 HE1  sing N N 147 
HIS NE2 HE2  sing N N 148 
HIS OXT HXT  sing N N 149 
HOH O   H1   sing N N 150 
HOH O   H2   sing N N 151 
ILE N   CA   sing N N 152 
ILE N   H    sing N N 153 
ILE N   H2   sing N N 154 
ILE CA  C    sing N N 155 
ILE CA  CB   sing N N 156 
ILE CA  HA   sing N N 157 
ILE C   O    doub N N 158 
ILE C   OXT  sing N N 159 
ILE CB  CG1  sing N N 160 
ILE CB  CG2  sing N N 161 
ILE CB  HB   sing N N 162 
ILE CG1 CD1  sing N N 163 
ILE CG1 HG12 sing N N 164 
ILE CG1 HG13 sing N N 165 
ILE CG2 HG21 sing N N 166 
ILE CG2 HG22 sing N N 167 
ILE CG2 HG23 sing N N 168 
ILE CD1 HD11 sing N N 169 
ILE CD1 HD12 sing N N 170 
ILE CD1 HD13 sing N N 171 
ILE OXT HXT  sing N N 172 
LEU N   CA   sing N N 173 
LEU N   H    sing N N 174 
LEU N   H2   sing N N 175 
LEU CA  C    sing N N 176 
LEU CA  CB   sing N N 177 
LEU CA  HA   sing N N 178 
LEU C   O    doub N N 179 
LEU C   OXT  sing N N 180 
LEU CB  CG   sing N N 181 
LEU CB  HB2  sing N N 182 
LEU CB  HB3  sing N N 183 
LEU CG  CD1  sing N N 184 
LEU CG  CD2  sing N N 185 
LEU CG  HG   sing N N 186 
LEU CD1 HD11 sing N N 187 
LEU CD1 HD12 sing N N 188 
LEU CD1 HD13 sing N N 189 
LEU CD2 HD21 sing N N 190 
LEU CD2 HD22 sing N N 191 
LEU CD2 HD23 sing N N 192 
LEU OXT HXT  sing N N 193 
LYS N   CA   sing N N 194 
LYS N   H    sing N N 195 
LYS N   H2   sing N N 196 
LYS CA  C    sing N N 197 
LYS CA  CB   sing N N 198 
LYS CA  HA   sing N N 199 
LYS C   O    doub N N 200 
LYS C   OXT  sing N N 201 
LYS CB  CG   sing N N 202 
LYS CB  HB2  sing N N 203 
LYS CB  HB3  sing N N 204 
LYS CG  CD   sing N N 205 
LYS CG  HG2  sing N N 206 
LYS CG  HG3  sing N N 207 
LYS CD  CE   sing N N 208 
LYS CD  HD2  sing N N 209 
LYS CD  HD3  sing N N 210 
LYS CE  NZ   sing N N 211 
LYS CE  HE2  sing N N 212 
LYS CE  HE3  sing N N 213 
LYS NZ  HZ1  sing N N 214 
LYS NZ  HZ2  sing N N 215 
LYS NZ  HZ3  sing N N 216 
LYS OXT HXT  sing N N 217 
PHE N   CA   sing N N 218 
PHE N   H    sing N N 219 
PHE N   H2   sing N N 220 
PHE CA  C    sing N N 221 
PHE CA  CB   sing N N 222 
PHE CA  HA   sing N N 223 
PHE C   O    doub N N 224 
PHE C   OXT  sing N N 225 
PHE CB  CG   sing N N 226 
PHE CB  HB2  sing N N 227 
PHE CB  HB3  sing N N 228 
PHE CG  CD1  doub Y N 229 
PHE CG  CD2  sing Y N 230 
PHE CD1 CE1  sing Y N 231 
PHE CD1 HD1  sing N N 232 
PHE CD2 CE2  doub Y N 233 
PHE CD2 HD2  sing N N 234 
PHE CE1 CZ   doub Y N 235 
PHE CE1 HE1  sing N N 236 
PHE CE2 CZ   sing Y N 237 
PHE CE2 HE2  sing N N 238 
PHE CZ  HZ   sing N N 239 
PHE OXT HXT  sing N N 240 
PRO N   CA   sing N N 241 
PRO N   CD   sing N N 242 
PRO N   H    sing N N 243 
PRO CA  C    sing N N 244 
PRO CA  CB   sing N N 245 
PRO CA  HA   sing N N 246 
PRO C   O    doub N N 247 
PRO C   OXT  sing N N 248 
PRO CB  CG   sing N N 249 
PRO CB  HB2  sing N N 250 
PRO CB  HB3  sing N N 251 
PRO CG  CD   sing N N 252 
PRO CG  HG2  sing N N 253 
PRO CG  HG3  sing N N 254 
PRO CD  HD2  sing N N 255 
PRO CD  HD3  sing N N 256 
PRO OXT HXT  sing N N 257 
SER N   CA   sing N N 258 
SER N   H    sing N N 259 
SER N   H2   sing N N 260 
SER CA  C    sing N N 261 
SER CA  CB   sing N N 262 
SER CA  HA   sing N N 263 
SER C   O    doub N N 264 
SER C   OXT  sing N N 265 
SER CB  OG   sing N N 266 
SER CB  HB2  sing N N 267 
SER CB  HB3  sing N N 268 
SER OG  HG   sing N N 269 
SER OXT HXT  sing N N 270 
THR N   CA   sing N N 271 
THR N   H    sing N N 272 
THR N   H2   sing N N 273 
THR CA  C    sing N N 274 
THR CA  CB   sing N N 275 
THR CA  HA   sing N N 276 
THR C   O    doub N N 277 
THR C   OXT  sing N N 278 
THR CB  OG1  sing N N 279 
THR CB  CG2  sing N N 280 
THR CB  HB   sing N N 281 
THR OG1 HG1  sing N N 282 
THR CG2 HG21 sing N N 283 
THR CG2 HG22 sing N N 284 
THR CG2 HG23 sing N N 285 
THR OXT HXT  sing N N 286 
TRP N   CA   sing N N 287 
TRP N   H    sing N N 288 
TRP N   H2   sing N N 289 
TRP CA  C    sing N N 290 
TRP CA  CB   sing N N 291 
TRP CA  HA   sing N N 292 
TRP C   O    doub N N 293 
TRP C   OXT  sing N N 294 
TRP CB  CG   sing N N 295 
TRP CB  HB2  sing N N 296 
TRP CB  HB3  sing N N 297 
TRP CG  CD1  doub Y N 298 
TRP CG  CD2  sing Y N 299 
TRP CD1 NE1  sing Y N 300 
TRP CD1 HD1  sing N N 301 
TRP CD2 CE2  doub Y N 302 
TRP CD2 CE3  sing Y N 303 
TRP NE1 CE2  sing Y N 304 
TRP NE1 HE1  sing N N 305 
TRP CE2 CZ2  sing Y N 306 
TRP CE3 CZ3  doub Y N 307 
TRP CE3 HE3  sing N N 308 
TRP CZ2 CH2  doub Y N 309 
TRP CZ2 HZ2  sing N N 310 
TRP CZ3 CH2  sing Y N 311 
TRP CZ3 HZ3  sing N N 312 
TRP CH2 HH2  sing N N 313 
TRP OXT HXT  sing N N 314 
TYR N   CA   sing N N 315 
TYR N   H    sing N N 316 
TYR N   H2   sing N N 317 
TYR CA  C    sing N N 318 
TYR CA  CB   sing N N 319 
TYR CA  HA   sing N N 320 
TYR C   O    doub N N 321 
TYR C   OXT  sing N N 322 
TYR CB  CG   sing N N 323 
TYR CB  HB2  sing N N 324 
TYR CB  HB3  sing N N 325 
TYR CG  CD1  doub Y N 326 
TYR CG  CD2  sing Y N 327 
TYR CD1 CE1  sing Y N 328 
TYR CD1 HD1  sing N N 329 
TYR CD2 CE2  doub Y N 330 
TYR CD2 HD2  sing N N 331 
TYR CE1 CZ   doub Y N 332 
TYR CE1 HE1  sing N N 333 
TYR CE2 CZ   sing Y N 334 
TYR CE2 HE2  sing N N 335 
TYR CZ  OH   sing N N 336 
TYR OH  HH   sing N N 337 
TYR OXT HXT  sing N N 338 
VAL N   CA   sing N N 339 
VAL N   H    sing N N 340 
VAL N   H2   sing N N 341 
VAL CA  C    sing N N 342 
VAL CA  CB   sing N N 343 
VAL CA  HA   sing N N 344 
VAL C   O    doub N N 345 
VAL C   OXT  sing N N 346 
VAL CB  CG1  sing N N 347 
VAL CB  CG2  sing N N 348 
VAL CB  HB   sing N N 349 
VAL CG1 HG11 sing N N 350 
VAL CG1 HG12 sing N N 351 
VAL CG1 HG13 sing N N 352 
VAL CG2 HG21 sing N N 353 
VAL CG2 HG22 sing N N 354 
VAL CG2 HG23 sing N N 355 
VAL OXT HXT  sing N N 356 
# 
_atom_sites.entry_id                    3IL8 
_atom_sites.fract_transf_matrix[1][1]   0.00096114 
_atom_sites.fract_transf_matrix[1][2]   0.00127796 
_atom_sites.fract_transf_matrix[1][3]   -0.02860790 
_atom_sites.fract_transf_matrix[2][1]   0.02526908 
_atom_sites.fract_transf_matrix[2][2]   0.00136995 
_atom_sites.fract_transf_matrix[2][3]   -0.01343843 
_atom_sites.fract_transf_matrix[3][1]   0.00034371 
_atom_sites.fract_transf_matrix[3][2]   -0.01108313 
_atom_sites.fract_transf_matrix[3][3]   -0.00048355 
_atom_sites.fract_transf_vector[1]      0.515776 
_atom_sites.fract_transf_vector[2]      0.702434 
_atom_sites.fract_transf_vector[3]      0.037692 
# 
loop_
_atom_type.symbol 
C 
N 
O 
S 
# 
loop_
_atom_site.group_PDB 
_atom_site.id 
_atom_site.type_symbol 
_atom_site.label_atom_id 
_atom_site.label_alt_id 
_atom_site.label_comp_id 
_atom_site.label_asym_id 
_atom_site.label_entity_id 
_atom_site.label_seq_id 
_atom_site.pdbx_PDB_ins_code 
_atom_site.Cartn_x 
_atom_site.Cartn_y 
_atom_site.Cartn_z 
_atom_site.occupancy 
_atom_site.B_iso_or_equiv 
_atom_site.pdbx_formal_charge 
_atom_site.auth_seq_id 
_atom_site.auth_comp_id 
_atom_site.auth_asym_id 
_atom_site.auth_atom_id 
_atom_site.pdbx_PDB_model_num 
ATOM   1   N N   . LEU A 1 5  ? -7.465  10.753  11.681  1.00 34.37  ? 5   LEU A N   1 
ATOM   2   C CA  . LEU A 1 5  ? -6.551  9.813   12.342  1.00 34.27  ? 5   LEU A CA  1 
ATOM   3   C C   . LEU A 1 5  ? -5.113  10.258  12.166  1.00 29.10  ? 5   LEU A C   1 
ATOM   4   O O   . LEU A 1 5  ? -4.818  10.713  11.050  1.00 31.02  ? 5   LEU A O   1 
ATOM   5   C CB  . LEU A 1 5  ? -6.719  8.435   11.670  1.00 40.01  ? 5   LEU A CB  1 
ATOM   6   C CG  . LEU A 1 5  ? -7.656  7.427   12.288  1.00 47.63  ? 5   LEU A CG  1 
ATOM   7   C CD1 . LEU A 1 5  ? -9.122  7.850   12.149  1.00 49.52  ? 5   LEU A CD1 1 
ATOM   8   C CD2 . LEU A 1 5  ? -7.459  6.105   11.533  1.00 46.81  ? 5   LEU A CD2 1 
ATOM   9   N N   . ARG A 1 6  ? -4.296  9.948   13.151  1.00 25.68  ? 6   ARG A N   1 
ATOM   10  C CA  . ARG A 1 6  ? -2.854  10.267  13.036  1.00 27.90  ? 6   ARG A CA  1 
ATOM   11  C C   . ARG A 1 6  ? -2.281  9.236   12.028  1.00 28.02  ? 6   ARG A C   1 
ATOM   12  O O   . ARG A 1 6  ? -3.071  8.557   11.341  1.00 28.65  ? 6   ARG A O   1 
ATOM   13  C CB  . ARG A 1 6  ? -2.182  10.235  14.405  1.00 30.39  ? 6   ARG A CB  1 
ATOM   14  C CG  . ARG A 1 6  ? -2.610  11.448  15.261  1.00 44.99  ? 6   ARG A CG  1 
ATOM   15  C CD  . ARG A 1 6  ? -1.826  11.672  16.515  1.00 45.96  ? 6   ARG A CD  1 
ATOM   16  N NE  . ARG A 1 6  ? -2.582  12.452  17.490  1.00 47.96  ? 6   ARG A NE  1 
ATOM   17  C CZ  . ARG A 1 6  ? -2.798  13.757  17.481  1.00 49.15  ? 6   ARG A CZ  1 
ATOM   18  N NH1 . ARG A 1 6  ? -2.287  14.554  16.557  1.00 53.18  ? 6   ARG A NH1 1 
ATOM   19  N NH2 . ARG A 1 6  ? -3.587  14.339  18.396  1.00 53.92  ? 6   ARG A NH2 1 
ATOM   20  N N   . CYS A 1 7  ? -0.972  9.163   11.953  1.00 19.62  ? 7   CYS A N   1 
ATOM   21  C CA  . CYS A 1 7  ? -0.246  8.202   11.114  1.00 24.87  ? 7   CYS A CA  1 
ATOM   22  C C   . CYS A 1 7  ? -0.699  6.775   11.470  1.00 25.48  ? 7   CYS A C   1 
ATOM   23  O O   . CYS A 1 7  ? -0.803  6.415   12.653  1.00 27.31  ? 7   CYS A O   1 
ATOM   24  C CB  . CYS A 1 7  ? 1.240   8.363   11.298  1.00 19.49  ? 7   CYS A CB  1 
ATOM   25  S SG  . CYS A 1 7  ? 2.039   9.831   10.733  1.00 21.66  ? 7   CYS A SG  1 
ATOM   26  N N   . GLN A 1 8  ? -0.930  5.969   10.455  1.00 24.92  ? 8   GLN A N   1 
ATOM   27  C CA  . GLN A 1 8  ? -1.405  4.598   10.746  1.00 28.10  ? 8   GLN A CA  1 
ATOM   28  C C   . GLN A 1 8  ? -0.302  3.580   10.719  1.00 25.04  ? 8   GLN A C   1 
ATOM   29  O O   . GLN A 1 8  ? -0.545  2.499   11.256  1.00 31.08  ? 8   GLN A O   1 
ATOM   30  C CB  . GLN A 1 8  ? -2.526  4.226   9.744   1.00 28.15  ? 8   GLN A CB  1 
ATOM   31  C CG  . GLN A 1 8  ? -3.640  5.236   10.004  1.00 40.52  ? 8   GLN A CG  1 
ATOM   32  C CD  . GLN A 1 8  ? -4.876  5.034   9.181   1.00 47.82  ? 8   GLN A CD  1 
ATOM   33  O OE1 . GLN A 1 8  ? -5.527  3.990   9.286   1.00 50.67  ? 8   GLN A OE1 1 
ATOM   34  N NE2 . GLN A 1 8  ? -5.222  6.080   8.426   1.00 46.90  ? 8   GLN A NE2 1 
ATOM   35  N N   . CYS A 1 9  ? 0.807   3.869   10.100  1.00 25.17  ? 9   CYS A N   1 
ATOM   36  C CA  . CYS A 1 9  ? 1.901   2.952   9.962   1.00 27.51  ? 9   CYS A CA  1 
ATOM   37  C C   . CYS A 1 9  ? 3.040   3.166   10.952  1.00 32.06  ? 9   CYS A C   1 
ATOM   38  O O   . CYS A 1 9  ? 3.666   4.221   10.957  1.00 35.01  ? 9   CYS A O   1 
ATOM   39  C CB  . CYS A 1 9  ? 2.441   3.087   8.497   1.00 20.48  ? 9   CYS A CB  1 
ATOM   40  S SG  . CYS A 1 9  ? 1.104   2.744   7.341   1.00 20.57  ? 9   CYS A SG  1 
ATOM   41  N N   . ILE A 1 10 ? 3.374   2.135   11.710  1.00 34.53  ? 10  ILE A N   1 
ATOM   42  C CA  . ILE A 1 10 ? 4.491   2.117   12.642  1.00 38.28  ? 10  ILE A CA  1 
ATOM   43  C C   . ILE A 1 10 ? 5.785   1.783   11.853  1.00 38.15  ? 10  ILE A C   1 
ATOM   44  O O   . ILE A 1 10 ? 6.859   2.253   12.251  1.00 41.36  ? 10  ILE A O   1 
ATOM   45  C CB  . ILE A 1 10 ? 4.385   1.062   13.791  1.00 42.11  ? 10  ILE A CB  1 
ATOM   46  C CG1 . ILE A 1 10 ? 3.053   1.154   14.551  1.00 45.57  ? 10  ILE A CG1 1 
ATOM   47  C CG2 . ILE A 1 10 ? 5.575   1.344   14.774  1.00 48.86  ? 10  ILE A CG2 1 
ATOM   48  C CD1 . ILE A 1 10 ? 2.883   2.612   15.093  1.00 43.63  ? 10  ILE A CD1 1 
ATOM   49  N N   . LYS A 1 11 ? 5.622   0.935   10.845  1.00 34.28  ? 11  LYS A N   1 
ATOM   50  C CA  . LYS A 1 11 ? 6.733   0.483   9.977   1.00 31.88  ? 11  LYS A CA  1 
ATOM   51  C C   . LYS A 1 11 ? 6.213   -0.060  8.645   1.00 28.32  ? 11  LYS A C   1 
ATOM   52  O O   . LYS A 1 11 ? 5.023   -0.437  8.574   1.00 26.12  ? 11  LYS A O   1 
ATOM   53  C CB  . LYS A 1 11 ? 7.524   -0.674  10.625  1.00 36.80  ? 11  LYS A CB  1 
ATOM   54  C CG  . LYS A 1 11 ? 6.592   -1.830  10.966  1.00 42.28  ? 11  LYS A CG  1 
ATOM   55  C CD  . LYS A 1 11 ? 7.389   -2.978  11.582  1.00 55.35  ? 11  LYS A CD  1 
ATOM   56  C CE  . LYS A 1 11 ? 6.610   -4.284  11.411  1.00 62.36  ? 11  LYS A CE  1 
ATOM   57  N NZ  . LYS A 1 11 ? 6.102   -4.314  9.977   1.00 70.44  ? 11  LYS A NZ  1 
ATOM   58  N N   . THR A 1 12 ? 7.106   -0.108  7.655   1.00 23.85  ? 12  THR A N   1 
ATOM   59  C CA  . THR A 1 12 ? 6.673   -0.601  6.342   1.00 24.06  ? 12  THR A CA  1 
ATOM   60  C C   . THR A 1 12 ? 7.273   -1.964  6.056   1.00 28.37  ? 12  THR A C   1 
ATOM   61  O O   . THR A 1 12 ? 8.303   -2.309  6.660   1.00 25.97  ? 12  THR A O   1 
ATOM   62  C CB  . THR A 1 12 ? 6.948   0.503   5.268   1.00 23.35  ? 12  THR A CB  1 
ATOM   63  O OG1 . THR A 1 12 ? 8.365   0.698   5.218   1.00 28.43  ? 12  THR A OG1 1 
ATOM   64  C CG2 . THR A 1 12 ? 6.315   1.871   5.652   1.00 25.93  ? 12  THR A CG2 1 
ATOM   65  N N   . TYR A 1 13 ? 6.614   -2.704  5.197   1.00 23.01  ? 13  TYR A N   1 
ATOM   66  C CA  . TYR A 1 13 ? 7.002   -4.043  4.760   1.00 21.65  ? 13  TYR A CA  1 
ATOM   67  C C   . TYR A 1 13 ? 8.075   -3.882  3.699   1.00 22.19  ? 13  TYR A C   1 
ATOM   68  O O   . TYR A 1 13 ? 7.860   -3.213  2.704   1.00 24.69  ? 13  TYR A O   1 
ATOM   69  C CB  . TYR A 1 13 ? 5.790   -4.854  4.259   1.00 21.28  ? 13  TYR A CB  1 
ATOM   70  C CG  . TYR A 1 13 ? 6.199   -6.332  4.192   1.00 22.18  ? 13  TYR A CG  1 
ATOM   71  C CD1 . TYR A 1 13 ? 6.416   -7.042  5.362   1.00 22.39  ? 13  TYR A CD1 1 
ATOM   72  C CD2 . TYR A 1 13 ? 6.369   -6.949  2.966   1.00 19.74  ? 13  TYR A CD2 1 
ATOM   73  C CE1 . TYR A 1 13 ? 6.812   -8.383  5.342   1.00 24.38  ? 13  TYR A CE1 1 
ATOM   74  C CE2 . TYR A 1 13 ? 6.776   -8.277  2.917   1.00 25.14  ? 13  TYR A CE2 1 
ATOM   75  C CZ  . TYR A 1 13 ? 6.974   -8.986  4.100   1.00 24.18  ? 13  TYR A CZ  1 
ATOM   76  O OH  . TYR A 1 13 ? 7.328   -10.286 3.984   1.00 24.99  ? 13  TYR A OH  1 
ATOM   77  N N   . SER A 1 14 ? 9.247   -4.504  3.913   1.00 23.51  ? 14  SER A N   1 
ATOM   78  C CA  . SER A 1 14 ? 10.348  -4.312  2.991   1.00 28.36  ? 14  SER A CA  1 
ATOM   79  C C   . SER A 1 14 ? 10.657  -5.397  2.001   1.00 27.57  ? 14  SER A C   1 
ATOM   80  O O   . SER A 1 14 ? 11.686  -5.201  1.289   1.00 32.22  ? 14  SER A O   1 
ATOM   81  C CB  . SER A 1 14 ? 11.669  -4.049  3.796   1.00 33.77  ? 14  SER A CB  1 
ATOM   82  O OG  . SER A 1 14 ? 11.980  -5.320  4.422   1.00 45.15  ? 14  SER A OG  1 
ATOM   83  N N   . LYS A 1 15 ? 9.910   -6.464  1.926   1.00 23.62  ? 15  LYS A N   1 
ATOM   84  C CA  . LYS A 1 15 ? 10.225  -7.502  0.923   1.00 22.75  ? 15  LYS A CA  1 
ATOM   85  C C   . LYS A 1 15 ? 9.140   -7.512  -0.136  1.00 20.11  ? 15  LYS A C   1 
ATOM   86  O O   . LYS A 1 15 ? 7.955   -7.684  0.221   1.00 21.93  ? 15  LYS A O   1 
ATOM   87  C CB  . LYS A 1 15 ? 10.146  -8.913  1.580   1.00 24.07  ? 15  LYS A CB  1 
ATOM   88  C CG  . LYS A 1 15 ? 11.048  -8.904  2.849   1.00 29.55  ? 15  LYS A CG  1 
ATOM   89  C CD  . LYS A 1 15 ? 10.944  -10.306 3.480   1.00 37.77  ? 15  LYS A CD  1 
ATOM   90  C CE  . LYS A 1 15 ? 11.623  -10.264 4.846   1.00 47.94  ? 15  LYS A CE  1 
ATOM   91  N NZ  . LYS A 1 15 ? 11.045  -11.311 5.746   1.00 54.51  ? 15  LYS A NZ  1 
ATOM   92  N N   . PRO A 1 16 ? 9.593   -7.422  -1.362  1.00 18.46  ? 16  PRO A N   1 
ATOM   93  C CA  . PRO A 1 16 ? 8.722   -7.437  -2.507  1.00 19.34  ? 16  PRO A CA  1 
ATOM   94  C C   . PRO A 1 16 ? 7.804   -8.669  -2.442  1.00 23.52  ? 16  PRO A C   1 
ATOM   95  O O   . PRO A 1 16 ? 8.206   -9.746  -1.974  1.00 23.32  ? 16  PRO A O   1 
ATOM   96  C CB  . PRO A 1 16 ? 9.670   -7.560  -3.694  1.00 21.16  ? 16  PRO A CB  1 
ATOM   97  C CG  . PRO A 1 16 ? 11.007  -7.124  -3.191  1.00 23.99  ? 16  PRO A CG  1 
ATOM   98  C CD  . PRO A 1 16 ? 11.008  -7.217  -1.706  1.00 19.03  ? 16  PRO A CD  1 
ATOM   99  N N   . PHE A 1 17 ? 6.642   -8.563  -3.052  1.00 19.18  ? 17  PHE A N   1 
ATOM   100 C CA  . PHE A 1 17 ? 5.660   -9.653  -3.080  1.00 18.67  ? 17  PHE A CA  1 
ATOM   101 C C   . PHE A 1 17 ? 4.792   -9.365  -4.297  1.00 20.28  ? 17  PHE A C   1 
ATOM   102 O O   . PHE A 1 17 ? 4.789   -8.272  -4.856  1.00 21.45  ? 17  PHE A O   1 
ATOM   103 C CB  . PHE A 1 17 ? 4.906   -9.733  -1.758  1.00 20.49  ? 17  PHE A CB  1 
ATOM   104 C CG  . PHE A 1 17 ? 4.011   -8.556  -1.453  1.00 21.00  ? 17  PHE A CG  1 
ATOM   105 C CD1 . PHE A 1 17 ? 2.694   -8.536  -1.896  1.00 19.58  ? 17  PHE A CD1 1 
ATOM   106 C CD2 . PHE A 1 17 ? 4.499   -7.480  -0.677  1.00 19.66  ? 17  PHE A CD2 1 
ATOM   107 C CE1 . PHE A 1 17 ? 1.845   -7.447  -1.538  1.00 21.22  ? 17  PHE A CE1 1 
ATOM   108 C CE2 . PHE A 1 17 ? 3.667   -6.423  -0.310  1.00 19.00  ? 17  PHE A CE2 1 
ATOM   109 C CZ  . PHE A 1 17 ? 2.339   -6.394  -0.761  1.00 17.08  ? 17  PHE A CZ  1 
ATOM   110 N N   . HIS A 1 18 ? 4.084   -10.382 -4.673  1.00 21.02  ? 18  HIS A N   1 
ATOM   111 C CA  . HIS A 1 18 ? 3.216   -10.370 -5.834  1.00 22.09  ? 18  HIS A CA  1 
ATOM   112 C C   . HIS A 1 18 ? 1.911   -9.643  -5.573  1.00 18.48  ? 18  HIS A C   1 
ATOM   113 O O   . HIS A 1 18 ? 1.343   -9.824  -4.488  1.00 17.53  ? 18  HIS A O   1 
ATOM   114 C CB  . HIS A 1 18 ? 2.865   -11.885 -6.169  1.00 24.77  ? 18  HIS A CB  1 
ATOM   115 C CG  . HIS A 1 18 ? 2.451   -11.921 -7.611  1.00 24.44  ? 18  HIS A CG  1 
ATOM   116 N ND1 . HIS A 1 18 ? 1.266   -11.423 -8.079  1.00 22.32  ? 18  HIS A ND1 1 
ATOM   117 C CD2 . HIS A 1 18 ? 3.122   -12.363 -8.690  1.00 29.53  ? 18  HIS A CD2 1 
ATOM   118 C CE1 . HIS A 1 18 ? 1.202   -11.600 -9.386  1.00 30.32  ? 18  HIS A CE1 1 
ATOM   119 N NE2 . HIS A 1 18 ? 2.330   -12.163 -9.779  1.00 30.54  ? 18  HIS A NE2 1 
ATOM   120 N N   . PRO A 1 19 ? 1.509   -8.831  -6.538  1.00 21.31  ? 19  PRO A N   1 
ATOM   121 C CA  . PRO A 1 19 ? 0.292   -8.025  -6.431  1.00 19.71  ? 19  PRO A CA  1 
ATOM   122 C C   . PRO A 1 19 ? -0.957  -8.870  -6.294  1.00 23.40  ? 19  PRO A C   1 
ATOM   123 O O   . PRO A 1 19 ? -2.017  -8.350  -5.912  1.00 20.61  ? 19  PRO A O   1 
ATOM   124 C CB  . PRO A 1 19 ? 0.252   -7.164  -7.679  1.00 23.07  ? 19  PRO A CB  1 
ATOM   125 C CG  . PRO A 1 19 ? 1.192   -7.808  -8.641  1.00 24.35  ? 19  PRO A CG  1 
ATOM   126 C CD  . PRO A 1 19 ? 2.263   -8.527  -7.770  1.00 21.85  ? 19  PRO A CD  1 
ATOM   127 N N   . LYS A 1 20 ? -0.863  -10.165 -6.567  1.00 22.49  ? 20  LYS A N   1 
ATOM   128 C CA  . LYS A 1 20 ? -2.108  -10.989 -6.437  1.00 21.93  ? 20  LYS A CA  1 
ATOM   129 C C   . LYS A 1 20 ? -2.513  -11.129 -4.991  1.00 16.01  ? 20  LYS A C   1 
ATOM   130 O O   . LYS A 1 20 ? -3.653  -11.470 -4.686  1.00 19.23  ? 20  LYS A O   1 
ATOM   131 C CB  . LYS A 1 20 ? -2.006  -12.342 -7.108  1.00 25.78  ? 20  LYS A CB  1 
ATOM   132 C CG  . LYS A 1 20 ? -1.074  -13.305 -6.380  1.00 27.95  ? 20  LYS A CG  1 
ATOM   133 C CD  . LYS A 1 20 ? -1.254  -14.758 -6.924  1.00 34.69  ? 20  LYS A CD  1 
ATOM   134 C CE  . LYS A 1 20 ? 0.193   -15.230 -7.067  1.00 38.92  ? 20  LYS A CE  1 
ATOM   135 N NZ  . LYS A 1 20 ? 0.315   -16.306 -8.086  1.00 52.39  ? 20  LYS A NZ  1 
ATOM   136 N N   . PHE A 1 21 ? -1.559  -10.805 -4.090  1.00 15.49  ? 21  PHE A N   1 
ATOM   137 C CA  . PHE A 1 21 ? -1.903  -10.954 -2.682  1.00 14.81  ? 21  PHE A CA  1 
ATOM   138 C C   . PHE A 1 21 ? -2.667  -9.742  -2.142  1.00 17.32  ? 21  PHE A C   1 
ATOM   139 O O   . PHE A 1 21 ? -3.084  -9.830  -0.999  1.00 17.41  ? 21  PHE A O   1 
ATOM   140 C CB  . PHE A 1 21 ? -0.668  -11.260 -1.810  1.00 16.14  ? 21  PHE A CB  1 
ATOM   141 C CG  . PHE A 1 21 ? -0.085  -12.584 -2.266  1.00 14.91  ? 21  PHE A CG  1 
ATOM   142 C CD1 . PHE A 1 21 ? -0.900  -13.736 -2.156  1.00 18.55  ? 21  PHE A CD1 1 
ATOM   143 C CD2 . PHE A 1 21 ? 1.181   -12.610 -2.818  1.00 19.24  ? 21  PHE A CD2 1 
ATOM   144 C CE1 . PHE A 1 21 ? -0.390  -14.956 -2.575  1.00 17.48  ? 21  PHE A CE1 1 
ATOM   145 C CE2 . PHE A 1 21 ? 1.719   -13.835 -3.281  1.00 21.14  ? 21  PHE A CE2 1 
ATOM   146 C CZ  . PHE A 1 21 ? 0.885   -14.956 -3.153  1.00 19.11  ? 21  PHE A CZ  1 
ATOM   147 N N   . ILE A 1 22 ? -2.824  -8.724  -2.984  1.00 17.88  ? 22  ILE A N   1 
ATOM   148 C CA  . ILE A 1 22 ? -3.515  -7.517  -2.451  1.00 13.16  ? 22  ILE A CA  1 
ATOM   149 C C   . ILE A 1 22 ? -4.962  -7.526  -2.874  1.00 12.02  ? 22  ILE A C   1 
ATOM   150 O O   . ILE A 1 22 ? -5.236  -7.829  -4.048  1.00 15.33  ? 22  ILE A O   1 
ATOM   151 C CB  . ILE A 1 22 ? -2.792  -6.244  -3.088  1.00 17.26  ? 22  ILE A CB  1 
ATOM   152 C CG1 . ILE A 1 22 ? -1.378  -6.092  -2.529  1.00 16.15  ? 22  ILE A CG1 1 
ATOM   153 C CG2 . ILE A 1 22 ? -3.631  -4.936  -2.886  1.00 19.20  ? 22  ILE A CG2 1 
ATOM   154 C CD1 . ILE A 1 22 ? -0.443  -5.101  -3.298  1.00 15.87  ? 22  ILE A CD1 1 
ATOM   155 N N   . LYS A 1 23 ? -5.836  -7.189  -1.958  1.00 12.29  ? 23  LYS A N   1 
ATOM   156 C CA  . LYS A 1 23 ? -7.240  -7.133  -2.373  1.00 17.17  ? 23  LYS A CA  1 
ATOM   157 C C   . LYS A 1 23 ? -7.761  -5.697  -2.136  1.00 14.23  ? 23  LYS A C   1 
ATOM   158 O O   . LYS A 1 23 ? -8.852  -5.399  -2.602  1.00 14.13  ? 23  LYS A O   1 
ATOM   159 C CB  . LYS A 1 23 ? -8.108  -8.081  -1.607  1.00 13.02  ? 23  LYS A CB  1 
ATOM   160 C CG  . LYS A 1 23 ? -8.203  -7.882  -0.124  1.00 21.42  ? 23  LYS A CG  1 
ATOM   161 C CD  . LYS A 1 23 ? -9.402  -8.840  0.270   1.00 25.57  ? 23  LYS A CD  1 
ATOM   162 C CE  . LYS A 1 23 ? -9.631  -8.817  1.751   1.00 23.22  ? 23  LYS A CE  1 
ATOM   163 N NZ  . LYS A 1 23 ? -10.895 -9.574  2.064   1.00 37.54  ? 23  LYS A NZ  1 
ATOM   164 N N   . GLU A 1 24 ? -7.012  -4.929  -1.348  1.00 14.10  ? 24  GLU A N   1 
ATOM   165 C CA  . GLU A 1 24 ? -7.483  -3.528  -1.153  1.00 16.66  ? 24  GLU A CA  1 
ATOM   166 C C   . GLU A 1 24 ? -6.285  -2.622  -0.927  1.00 17.51  ? 24  GLU A C   1 
ATOM   167 O O   . GLU A 1 24 ? -5.297  -3.058  -0.333  1.00 16.40  ? 24  GLU A O   1 
ATOM   168 C CB  . GLU A 1 24 ? -8.394  -3.479  -0.012  1.00 15.91  ? 24  GLU A CB  1 
ATOM   169 C CG  . GLU A 1 24 ? -9.213  -2.348  0.451   1.00 30.69  ? 24  GLU A CG  1 
ATOM   170 C CD  . GLU A 1 24 ? -10.311 -2.881  1.399   1.00 37.88  ? 24  GLU A CD  1 
ATOM   171 O OE1 . GLU A 1 24 ? -10.767 -4.016  1.319   1.00 37.81  ? 24  GLU A OE1 1 
ATOM   172 O OE2 . GLU A 1 24 ? -10.580 -1.991  2.195   1.00 36.27  ? 24  GLU A OE2 1 
ATOM   173 N N   . LEU A 1 25 ? -6.344  -1.439  -1.483  1.00 8.59   ? 25  LEU A N   1 
ATOM   174 C CA  . LEU A 1 25 ? -5.269  -0.451  -1.384  1.00 12.38  ? 25  LEU A CA  1 
ATOM   175 C C   . LEU A 1 25 ? -5.788  0.869   -0.807  1.00 13.67  ? 25  LEU A C   1 
ATOM   176 O O   . LEU A 1 25 ? -6.838  1.357   -1.268  1.00 11.73  ? 25  LEU A O   1 
ATOM   177 C CB  . LEU A 1 25 ? -4.814  -0.242  -2.840  1.00 12.27  ? 25  LEU A CB  1 
ATOM   178 C CG  . LEU A 1 25 ? -3.820  0.908   -3.012  1.00 17.85  ? 25  LEU A CG  1 
ATOM   179 C CD1 . LEU A 1 25 ? -2.478  0.440   -2.458  1.00 16.69  ? 25  LEU A CD1 1 
ATOM   180 C CD2 . LEU A 1 25 ? -3.756  1.175   -4.495  1.00 18.61  ? 25  LEU A CD2 1 
ATOM   181 N N   . ARG A 1 26 ? -5.088  1.455   0.107   1.00 10.92  ? 26  ARG A N   1 
ATOM   182 C CA  . ARG A 1 26 ? -5.500  2.770   0.610   1.00 10.16  ? 26  ARG A CA  1 
ATOM   183 C C   . ARG A 1 26 ? -4.249  3.687   0.542   1.00 16.69  ? 26  ARG A C   1 
ATOM   184 O O   . ARG A 1 26 ? -3.191  3.247   1.068   1.00 12.02  ? 26  ARG A O   1 
ATOM   185 C CB  . ARG A 1 26 ? -5.933  2.765   2.030   1.00 15.29  ? 26  ARG A CB  1 
ATOM   186 C CG  . ARG A 1 26 ? -6.734  3.949   2.508   1.00 31.15  ? 26  ARG A CG  1 
ATOM   187 C CD  . ARG A 1 26 ? -7.349  3.602   3.872   1.00 33.17  ? 26  ARG A CD  1 
ATOM   188 N NE  . ARG A 1 26 ? -7.822  4.857   4.440   1.00 43.64  ? 26  ARG A NE  1 
ATOM   189 C CZ  . ARG A 1 26 ? -7.903  5.069   5.753   1.00 46.53  ? 26  ARG A CZ  1 
ATOM   190 N NH1 . ARG A 1 26 ? -7.533  4.111   6.604   1.00 47.10  ? 26  ARG A NH1 1 
ATOM   191 N NH2 . ARG A 1 26 ? -8.346  6.244   6.167   1.00 48.42  ? 26  ARG A NH2 1 
ATOM   192 N N   . VAL A 1 27 ? -4.404  4.815   -0.090  1.00 11.33  ? 27  VAL A N   1 
ATOM   193 C CA  . VAL A 1 27 ? -3.239  5.782   -0.190  1.00 8.43   ? 27  VAL A CA  1 
ATOM   194 C C   . VAL A 1 27 ? -3.702  7.057   0.512   1.00 13.88  ? 27  VAL A C   1 
ATOM   195 O O   . VAL A 1 27 ? -4.754  7.621   0.106   1.00 10.61  ? 27  VAL A O   1 
ATOM   196 C CB  . VAL A 1 27 ? -2.856  5.917   -1.622  1.00 11.17  ? 27  VAL A CB  1 
ATOM   197 C CG1 . VAL A 1 27 ? -1.617  6.872   -1.775  1.00 13.38  ? 27  VAL A CG1 1 
ATOM   198 C CG2 . VAL A 1 27 ? -2.504  4.592   -2.348  1.00 13.69  ? 27  VAL A CG2 1 
ATOM   199 N N   . ILE A 1 28 ? -3.052  7.468   1.588   1.00 13.17  ? 28  ILE A N   1 
ATOM   200 C CA  . ILE A 1 28 ? -3.478  8.699   2.323   1.00 11.65  ? 28  ILE A CA  1 
ATOM   201 C C   . ILE A 1 28 ? -2.365  9.738   2.148   1.00 14.15  ? 28  ILE A C   1 
ATOM   202 O O   . ILE A 1 28 ? -1.241  9.483   2.612   1.00 12.35  ? 28  ILE A O   1 
ATOM   203 C CB  . ILE A 1 28 ? -3.674  8.328   3.809   1.00 13.64  ? 28  ILE A CB  1 
ATOM   204 C CG1 . ILE A 1 28 ? -4.691  7.136   3.935   1.00 15.24  ? 28  ILE A CG1 1 
ATOM   205 C CG2 . ILE A 1 28 ? -4.226  9.534   4.624   1.00 10.83  ? 28  ILE A CG2 1 
ATOM   206 C CD1 . ILE A 1 28 ? -5.006  6.728   5.389   1.00 20.52  ? 28  ILE A CD1 1 
ATOM   207 N N   . GLU A 1 29 ? -2.616  10.836  1.470   1.00 10.23  ? 29  GLU A N   1 
ATOM   208 C CA  . GLU A 1 29 ? -1.555  11.839  1.254   1.00 10.69  ? 29  GLU A CA  1 
ATOM   209 C C   . GLU A 1 29 ? -1.169  12.496  2.587   1.00 8.09   ? 29  GLU A C   1 
ATOM   210 O O   . GLU A 1 29 ? -1.981  12.533  3.506   1.00 8.41   ? 29  GLU A O   1 
ATOM   211 C CB  . GLU A 1 29 ? -1.984  12.921  0.292   1.00 11.43  ? 29  GLU A CB  1 
ATOM   212 C CG  . GLU A 1 29 ? -0.821  13.830  -0.175  1.00 17.75  ? 29  GLU A CG  1 
ATOM   213 C CD  . GLU A 1 29 ? -1.334  14.835  -1.220  1.00 25.67  ? 29  GLU A CD  1 
ATOM   214 O OE1 . GLU A 1 29 ? -2.541  15.043  -1.368  1.00 25.34  ? 29  GLU A OE1 1 
ATOM   215 O OE2 . GLU A 1 29 ? -0.367  15.273  -1.865  1.00 27.56  ? 29  GLU A OE2 1 
ATOM   216 N N   . SER A 1 30 ? 0.089   12.921  2.729   1.00 10.32  ? 30  SER A N   1 
ATOM   217 C CA  . SER A 1 30 ? 0.566   13.584  3.964   1.00 15.73  ? 30  SER A CA  1 
ATOM   218 C C   . SER A 1 30 ? -0.270  14.888  4.133   1.00 16.72  ? 30  SER A C   1 
ATOM   219 O O   . SER A 1 30 ? -0.848  15.373  3.161   1.00 16.34  ? 30  SER A O   1 
ATOM   220 C CB  . SER A 1 30 ? 2.009   14.069  3.910   1.00 12.32  ? 30  SER A CB  1 
ATOM   221 O OG  . SER A 1 30 ? 2.152   14.824  2.723   1.00 19.72  ? 30  SER A OG  1 
ATOM   222 N N   . GLY A 1 31 ? -0.264  15.341  5.380   1.00 16.44  ? 31  GLY A N   1 
ATOM   223 C CA  . GLY A 1 31 ? -1.076  16.580  5.685   1.00 15.45  ? 31  GLY A CA  1 
ATOM   224 C C   . GLY A 1 31 ? -0.893  16.762  7.179   1.00 14.43  ? 31  GLY A C   1 
ATOM   225 O O   . GLY A 1 31 ? 0.032   16.219  7.803   1.00 15.86  ? 31  GLY A O   1 
ATOM   226 N N   . PRO A 1 32 ? -1.745  17.549  7.751   1.00 16.87  ? 32  PRO A N   1 
ATOM   227 C CA  . PRO A 1 32 ? -1.609  17.866  9.191   1.00 18.17  ? 32  PRO A CA  1 
ATOM   228 C C   . PRO A 1 32 ? -1.664  16.659  10.092  1.00 19.24  ? 32  PRO A C   1 
ATOM   229 O O   . PRO A 1 32 ? -1.088  16.619  11.192  1.00 17.59  ? 32  PRO A O   1 
ATOM   230 C CB  . PRO A 1 32 ? -2.802  18.806  9.444   1.00 18.24  ? 32  PRO A CB  1 
ATOM   231 C CG  . PRO A 1 32 ? -3.016  19.432  8.073   1.00 18.10  ? 32  PRO A CG  1 
ATOM   232 C CD  . PRO A 1 32 ? -2.873  18.246  7.093   1.00 14.75  ? 32  PRO A CD  1 
ATOM   233 N N   . HIS A 1 33 ? -2.413  15.648  9.628   1.00 17.59  ? 33  HIS A N   1 
ATOM   234 C CA  . HIS A 1 33 ? -2.636  14.389  10.332  1.00 13.50  ? 33  HIS A CA  1 
ATOM   235 C C   . HIS A 1 33 ? -1.436  13.451  10.424  1.00 16.31  ? 33  HIS A C   1 
ATOM   236 O O   . HIS A 1 33 ? -1.300  12.692  11.416  1.00 20.92  ? 33  HIS A O   1 
ATOM   237 C CB  . HIS A 1 33 ? -3.795  13.603  9.609   1.00 18.54  ? 33  HIS A CB  1 
ATOM   238 C CG  . HIS A 1 33 ? -3.452  13.384  8.155   1.00 19.02  ? 33  HIS A CG  1 
ATOM   239 N ND1 . HIS A 1 33 ? -3.590  14.315  7.153   1.00 16.90  ? 33  HIS A ND1 1 
ATOM   240 C CD2 . HIS A 1 33 ? -2.895  12.264  7.594   1.00 16.38  ? 33  HIS A CD2 1 
ATOM   241 C CE1 . HIS A 1 33 ? -3.158  13.753  6.013   1.00 20.33  ? 33  HIS A CE1 1 
ATOM   242 N NE2 . HIS A 1 33 ? -2.682  12.532  6.242   1.00 18.30  ? 33  HIS A NE2 1 
ATOM   243 N N   . CYS A 1 34 ? -0.572  13.498  9.455   1.00 14.66  ? 34  CYS A N   1 
ATOM   244 C CA  . CYS A 1 34 ? 0.627   12.607  9.381   1.00 13.36  ? 34  CYS A CA  1 
ATOM   245 C C   . CYS A 1 34 ? 1.547   13.202  8.375   1.00 12.04  ? 34  CYS A C   1 
ATOM   246 O O   . CYS A 1 34 ? 1.194   13.472  7.180   1.00 16.42  ? 34  CYS A O   1 
ATOM   247 C CB  . CYS A 1 34 ? 0.102   11.192  8.855   1.00 15.40  ? 34  CYS A CB  1 
ATOM   248 S SG  . CYS A 1 34 ? 1.544   10.071  8.788   1.00 19.04  ? 34  CYS A SG  1 
ATOM   249 N N   . ALA A 1 35 ? 2.829   13.362  8.780   1.00 12.77  ? 35  ALA A N   1 
ATOM   250 C CA  . ALA A 1 35 ? 3.794   14.003  7.884   1.00 10.60  ? 35  ALA A CA  1 
ATOM   251 C C   . ALA A 1 35 ? 4.132   13.178  6.677   1.00 18.15  ? 35  ALA A C   1 
ATOM   252 O O   . ALA A 1 35 ? 4.737   13.694  5.728   1.00 18.66  ? 35  ALA A O   1 
ATOM   253 C CB  . ALA A 1 35 ? 5.068   14.386  8.673   1.00 16.39  ? 35  ALA A CB  1 
ATOM   254 N N   . ASN A 1 36 ? 3.803   11.881  6.736   1.00 17.53  ? 36  ASN A N   1 
ATOM   255 C CA  . ASN A 1 36 ? 4.135   11.016  5.587   1.00 18.63  ? 36  ASN A CA  1 
ATOM   256 C C   . ASN A 1 36 ? 2.848   10.580  4.885   1.00 11.71  ? 36  ASN A C   1 
ATOM   257 O O   . ASN A 1 36 ? 1.783   10.445  5.511   1.00 15.94  ? 36  ASN A O   1 
ATOM   258 C CB  . ASN A 1 36 ? 4.818   9.687   6.070   1.00 18.89  ? 36  ASN A CB  1 
ATOM   259 C CG  . ASN A 1 36 ? 5.854   9.928   7.159   1.00 31.36  ? 36  ASN A CG  1 
ATOM   260 O OD1 . ASN A 1 36 ? 5.711   9.644   8.369   1.00 37.82  ? 36  ASN A OD1 1 
ATOM   261 N ND2 . ASN A 1 36 ? 6.952   10.534  6.718   1.00 27.41  ? 36  ASN A ND2 1 
ATOM   262 N N   . THR A 1 37 ? 3.111   10.347  3.606   1.00 14.44  ? 37  THR A N   1 
ATOM   263 C CA  . THR A 1 37 ? 2.101   9.745   2.743   1.00 14.39  ? 37  THR A CA  1 
ATOM   264 C C   . THR A 1 37 ? 2.129   8.257   3.182   1.00 15.51  ? 37  THR A C   1 
ATOM   265 O O   . THR A 1 37 ? 3.229   7.735   3.444   1.00 13.10  ? 37  THR A O   1 
ATOM   266 C CB  . THR A 1 37 ? 2.403   9.853   1.226   1.00 15.98  ? 37  THR A CB  1 
ATOM   267 O OG1 . THR A 1 37 ? 2.181   11.276  0.940   1.00 17.60  ? 37  THR A OG1 1 
ATOM   268 C CG2 . THR A 1 37 ? 1.425   8.976   0.425   1.00 16.22  ? 37  THR A CG2 1 
ATOM   269 N N   . GLU A 1 38 ? 0.957   7.681   3.359   1.00 13.31  ? 38  GLU A N   1 
ATOM   270 C CA  . GLU A 1 38 ? 0.996   6.264   3.814   1.00 10.89  ? 38  GLU A CA  1 
ATOM   271 C C   . GLU A 1 38 ? 0.264   5.404   2.802   1.00 15.42  ? 38  GLU A C   1 
ATOM   272 O O   . GLU A 1 38 ? -0.776  5.874   2.244   1.00 13.47  ? 38  GLU A O   1 
ATOM   273 C CB  . GLU A 1 38 ? 0.286   6.162   5.154   1.00 12.17  ? 38  GLU A CB  1 
ATOM   274 C CG  . GLU A 1 38 ? 1.180   6.713   6.351   1.00 14.01  ? 38  GLU A CG  1 
ATOM   275 C CD  . GLU A 1 38 ? 0.626   6.351   7.710   1.00 15.21  ? 38  GLU A CD  1 
ATOM   276 O OE1 . GLU A 1 38 ? -0.587  6.358   7.907   1.00 15.25  ? 38  GLU A OE1 1 
ATOM   277 O OE2 . GLU A 1 38 ? 1.444   6.045   8.625   1.00 16.61  ? 38  GLU A OE2 1 
ATOM   278 N N   . ILE A 1 39 ? 0.790   4.217   2.632   1.00 9.91   ? 39  ILE A N   1 
ATOM   279 C CA  . ILE A 1 39 ? 0.133   3.243   1.681   1.00 11.80  ? 39  ILE A CA  1 
ATOM   280 C C   . ILE A 1 39 ? -0.198  2.035   2.546   1.00 14.50  ? 39  ILE A C   1 
ATOM   281 O O   . ILE A 1 39 ? 0.708   1.425   3.137   1.00 13.89  ? 39  ILE A O   1 
ATOM   282 C CB  . ILE A 1 39 ? 1.012   2.842   0.459   1.00 12.56  ? 39  ILE A CB  1 
ATOM   283 C CG1 . ILE A 1 39 ? 1.227   4.017   -0.471  1.00 12.39  ? 39  ILE A CG1 1 
ATOM   284 C CG2 . ILE A 1 39 ? 0.310   1.626   -0.314  1.00 14.40  ? 39  ILE A CG2 1 
ATOM   285 C CD1 . ILE A 1 39 ? 2.083   3.834   -1.722  1.00 2.00   ? 39  ILE A CD1 1 
ATOM   286 N N   . ILE A 1 40 ? -1.482  1.711   2.633   1.00 13.89  ? 40  ILE A N   1 
ATOM   287 C CA  . ILE A 1 40 ? -1.944  0.576   3.452   1.00 13.13  ? 40  ILE A CA  1 
ATOM   288 C C   . ILE A 1 40 ? -2.665  -0.424  2.523   1.00 15.01  ? 40  ILE A C   1 
ATOM   289 O O   . ILE A 1 40 ? -3.542  -0.030  1.772   1.00 13.23  ? 40  ILE A O   1 
ATOM   290 C CB  . ILE A 1 40 ? -2.871  1.015   4.592   1.00 17.12  ? 40  ILE A CB  1 
ATOM   291 C CG1 . ILE A 1 40 ? -2.187  2.154   5.406   1.00 23.40  ? 40  ILE A CG1 1 
ATOM   292 C CG2 . ILE A 1 40 ? -3.277  -0.161  5.528   1.00 20.86  ? 40  ILE A CG2 1 
ATOM   293 C CD1 . ILE A 1 40 ? -3.161  3.041   6.183   1.00 25.13  ? 40  ILE A CD1 1 
ATOM   294 N N   . VAL A 1 41 ? -2.116  -1.643  2.534   1.00 13.64  ? 41  VAL A N   1 
ATOM   295 C CA  . VAL A 1 41 ? -2.783  -2.694  1.711   1.00 13.32  ? 41  VAL A CA  1 
ATOM   296 C C   . VAL A 1 41 ? -3.395  -3.749  2.626   1.00 15.68  ? 41  VAL A C   1 
ATOM   297 O O   . VAL A 1 41 ? -2.867  -4.078  3.703   1.00 18.34  ? 41  VAL A O   1 
ATOM   298 C CB  . VAL A 1 41 ? -1.904  -3.319  0.649   1.00 17.16  ? 41  VAL A CB  1 
ATOM   299 C CG1 . VAL A 1 41 ? -1.509  -2.381  -0.483  1.00 17.88  ? 41  VAL A CG1 1 
ATOM   300 C CG2 . VAL A 1 41 ? -0.668  -3.975  1.277   1.00 12.55  ? 41  VAL A CG2 1 
ATOM   301 N N   . LYS A 1 42 ? -4.525  -4.262  2.159   1.00 14.62  ? 42  LYS A N   1 
ATOM   302 C CA  . LYS A 1 42 ? -5.228  -5.396  2.869   1.00 15.56  ? 42  LYS A CA  1 
ATOM   303 C C   . LYS A 1 42 ? -4.936  -6.599  1.946   1.00 16.07  ? 42  LYS A C   1 
ATOM   304 O O   . LYS A 1 42 ? -5.078  -6.540  0.701   1.00 14.43  ? 42  LYS A O   1 
ATOM   305 C CB  . LYS A 1 42 ? -6.650  -5.074  3.057   1.00 22.11  ? 42  LYS A CB  1 
ATOM   306 C CG  . LYS A 1 42 ? -7.579  -6.014  3.790   1.00 29.34  ? 42  LYS A CG  1 
ATOM   307 C CD  . LYS A 1 42 ? -8.630  -5.137  4.462   1.00 41.72  ? 42  LYS A CD  1 
ATOM   308 C CE  . LYS A 1 42 ? -9.984  -5.774  4.631   1.00 45.47  ? 42  LYS A CE  1 
ATOM   309 N NZ  . LYS A 1 42 ? -11.010 -4.658  4.627   1.00 49.32  ? 42  LYS A NZ  1 
ATOM   310 N N   . LEU A 1 43 ? -4.299  -7.619  2.570   1.00 16.34  ? 43  LEU A N   1 
ATOM   311 C CA  . LEU A 1 43 ? -3.942  -8.838  1.769   1.00 17.20  ? 43  LEU A CA  1 
ATOM   312 C C   . LEU A 1 43 ? -5.155  -9.752  1.588   1.00 16.84  ? 43  LEU A C   1 
ATOM   313 O O   . LEU A 1 43 ? -6.147  -9.616  2.275   1.00 14.93  ? 43  LEU A O   1 
ATOM   314 C CB  . LEU A 1 43 ? -2.822  -9.523  2.598   1.00 10.15  ? 43  LEU A CB  1 
ATOM   315 C CG  . LEU A 1 43 ? -1.597  -8.681  2.849   1.00 12.61  ? 43  LEU A CG  1 
ATOM   316 C CD1 . LEU A 1 43 ? -0.532  -9.524  3.560   1.00 15.57  ? 43  LEU A CD1 1 
ATOM   317 C CD2 . LEU A 1 43 ? -1.015  -8.188  1.530   1.00 12.90  ? 43  LEU A CD2 1 
ATOM   318 N N   . SER A 1 44 ? -4.980  -10.733 0.685   1.00 21.68  ? 44  SER A N   1 
ATOM   319 C CA  . SER A 1 44 ? -6.056  -11.725 0.409   1.00 22.94  ? 44  SER A CA  1 
ATOM   320 C C   . SER A 1 44 ? -6.593  -12.352 1.684   1.00 21.86  ? 44  SER A C   1 
ATOM   321 O O   . SER A 1 44 ? -7.798  -12.568 1.738   1.00 25.30  ? 44  SER A O   1 
ATOM   322 C CB  . SER A 1 44 ? -5.536  -12.806 -0.537  1.00 24.16  ? 44  SER A CB  1 
ATOM   323 O OG  . SER A 1 44 ? -4.953  -12.283 -1.697  1.00 32.96  ? 44  SER A OG  1 
ATOM   324 N N   . ASP A 1 45 ? -5.751  -12.603 2.699   1.00 20.73  ? 45  ASP A N   1 
ATOM   325 C CA  . ASP A 1 45 ? -6.192  -13.200 3.949   1.00 24.06  ? 45  ASP A CA  1 
ATOM   326 C C   . ASP A 1 45 ? -6.728  -12.212 4.984   1.00 27.65  ? 45  ASP A C   1 
ATOM   327 O O   . ASP A 1 45 ? -7.074  -12.644 6.108   1.00 26.23  ? 45  ASP A O   1 
ATOM   328 C CB  . ASP A 1 45 ? -5.114  -14.132 4.555   1.00 22.11  ? 45  ASP A CB  1 
ATOM   329 C CG  . ASP A 1 45 ? -3.857  -13.452 4.919   1.00 27.21  ? 45  ASP A CG  1 
ATOM   330 O OD1 . ASP A 1 45 ? -3.920  -12.202 4.949   1.00 23.24  ? 45  ASP A OD1 1 
ATOM   331 O OD2 . ASP A 1 45 ? -2.773  -13.984 5.161   1.00 33.86  ? 45  ASP A OD2 1 
ATOM   332 N N   . GLY A 1 46 ? -6.796  -10.930 4.631   1.00 25.99  ? 46  GLY A N   1 
ATOM   333 C CA  . GLY A 1 46 ? -7.290  -9.911  5.562   1.00 24.51  ? 46  GLY A CA  1 
ATOM   334 C C   . GLY A 1 46 ? -6.258  -9.231  6.411   1.00 24.84  ? 46  GLY A C   1 
ATOM   335 O O   . GLY A 1 46 ? -6.618  -8.355  7.248   1.00 26.16  ? 46  GLY A O   1 
ATOM   336 N N   . ARG A 1 47 ? -4.981  -9.600  6.362   1.00 18.95  ? 47  ARG A N   1 
ATOM   337 C CA  . ARG A 1 47 ? -3.965  -8.911  7.201   1.00 16.27  ? 47  ARG A CA  1 
ATOM   338 C C   . ARG A 1 47 ? -3.702  -7.564  6.509   1.00 17.40  ? 47  ARG A C   1 
ATOM   339 O O   . ARG A 1 47 ? -3.940  -7.480  5.296   1.00 18.45  ? 47  ARG A O   1 
ATOM   340 C CB  . ARG A 1 47 ? -2.601  -9.680  7.134   1.00 15.31  ? 47  ARG A CB  1 
ATOM   341 C CG  . ARG A 1 47 ? -2.671  -10.885 8.151   1.00 18.21  ? 47  ARG A CG  1 
ATOM   342 C CD  . ARG A 1 47 ? -1.368  -11.688 7.988   1.00 22.78  ? 47  ARG A CD  1 
ATOM   343 N NE  . ARG A 1 47 ? -1.363  -12.395 6.713   1.00 24.33  ? 47  ARG A NE  1 
ATOM   344 C CZ  . ARG A 1 47 ? -0.235  -12.718 6.067   1.00 19.75  ? 47  ARG A CZ  1 
ATOM   345 N NH1 . ARG A 1 47 ? 0.939   -12.428 6.603   1.00 24.87  ? 47  ARG A NH1 1 
ATOM   346 N NH2 . ARG A 1 47 ? -0.312  -13.301 4.892   1.00 18.30  ? 47  ARG A NH2 1 
ATOM   347 N N   . GLU A 1 48 ? -3.161  -6.611  7.201   1.00 18.83  ? 48  GLU A N   1 
ATOM   348 C CA  . GLU A 1 48 ? -2.833  -5.333  6.504   1.00 21.52  ? 48  GLU A CA  1 
ATOM   349 C C   . GLU A 1 48 ? -1.344  -5.081  6.607   1.00 20.45  ? 48  GLU A C   1 
ATOM   350 O O   . GLU A 1 48 ? -0.766  -5.496  7.620   1.00 24.83  ? 48  GLU A O   1 
ATOM   351 C CB  . GLU A 1 48 ? -3.521  -4.191  7.278   1.00 28.54  ? 48  GLU A CB  1 
ATOM   352 C CG  . GLU A 1 48 ? -4.911  -3.757  6.812   1.00 39.09  ? 48  GLU A CG  1 
ATOM   353 C CD  . GLU A 1 48 ? -5.547  -2.694  7.690   1.00 42.66  ? 48  GLU A CD  1 
ATOM   354 O OE1 . GLU A 1 48 ? -4.895  -1.907  8.353   1.00 47.48  ? 48  GLU A OE1 1 
ATOM   355 O OE2 . GLU A 1 48 ? -6.782  -2.772  7.674   1.00 47.35  ? 48  GLU A OE2 1 
ATOM   356 N N   . LEU A 1 49 ? -0.736  -4.394  5.683   1.00 18.13  ? 49  LEU A N   1 
ATOM   357 C CA  . LEU A 1 49 ? 0.649   -3.985  5.742   1.00 19.10  ? 49  LEU A CA  1 
ATOM   358 C C   . LEU A 1 49 ? 0.728   -2.504  5.243   1.00 19.00  ? 49  LEU A C   1 
ATOM   359 O O   . LEU A 1 49 ? -0.080  -2.124  4.362   1.00 16.63  ? 49  LEU A O   1 
ATOM   360 C CB  . LEU A 1 49 ? 1.453   -4.771  4.647   1.00 22.55  ? 49  LEU A CB  1 
ATOM   361 C CG  . LEU A 1 49 ? 1.476   -6.267  4.773   1.00 26.33  ? 49  LEU A CG  1 
ATOM   362 C CD1 . LEU A 1 49 ? 2.369   -6.832  3.656   1.00 25.96  ? 49  LEU A CD1 1 
ATOM   363 C CD2 . LEU A 1 49 ? 2.051   -6.613  6.144   1.00 30.49  ? 49  LEU A CD2 1 
ATOM   364 N N   . CYS A 1 50 ? 1.793   -1.865  5.617   1.00 13.27  ? 50  CYS A N   1 
ATOM   365 C CA  . CYS A 1 50 ? 2.097   -0.519  5.104   1.00 14.19  ? 50  CYS A CA  1 
ATOM   366 C C   . CYS A 1 50 ? 3.242   -0.694  4.148   1.00 18.23  ? 50  CYS A C   1 
ATOM   367 O O   . CYS A 1 50 ? 4.144   -1.502  4.444   1.00 17.32  ? 50  CYS A O   1 
ATOM   368 C CB  . CYS A 1 50 ? 2.532   0.350   6.305   1.00 14.46  ? 50  CYS A CB  1 
ATOM   369 S SG  . CYS A 1 50 ? 1.058   0.657   7.335   1.00 20.42  ? 50  CYS A SG  1 
ATOM   370 N N   . LEU A 1 51 ? 3.254   0.064   3.059   1.00 13.89  ? 51  LEU A N   1 
ATOM   371 C CA  . LEU A 1 51 ? 4.322   0.012   2.084   1.00 15.17  ? 51  LEU A CA  1 
ATOM   372 C C   . LEU A 1 51 ? 4.902   1.468   1.981   1.00 17.57  ? 51  LEU A C   1 
ATOM   373 O O   . LEU A 1 51 ? 4.146   2.406   2.287   1.00 18.49  ? 51  LEU A O   1 
ATOM   374 C CB  . LEU A 1 51 ? 3.848   -0.480  0.734   1.00 11.73  ? 51  LEU A CB  1 
ATOM   375 C CG  . LEU A 1 51 ? 2.994   -1.811  0.775   1.00 14.55  ? 51  LEU A CG  1 
ATOM   376 C CD1 . LEU A 1 51 ? 2.570   -2.089  -0.627  1.00 13.99  ? 51  LEU A CD1 1 
ATOM   377 C CD2 . LEU A 1 51 ? 3.977   -2.852  1.301   1.00 14.41  ? 51  LEU A CD2 1 
ATOM   378 N N   . ASP A 1 52 ? 6.135   1.502   1.600   1.00 16.07  ? 52  ASP A N   1 
ATOM   379 C CA  . ASP A 1 52 ? 6.888   2.768   1.458   1.00 17.82  ? 52  ASP A CA  1 
ATOM   380 C C   . ASP A 1 52 ? 6.659   3.247   0.048   1.00 14.64  ? 52  ASP A C   1 
ATOM   381 O O   . ASP A 1 52 ? 7.086   2.634   -0.948  1.00 20.86  ? 52  ASP A O   1 
ATOM   382 C CB  . ASP A 1 52 ? 8.367   2.538   1.776   1.00 20.54  ? 52  ASP A CB  1 
ATOM   383 C CG  . ASP A 1 52 ? 9.149   3.880   1.637   1.00 27.08  ? 52  ASP A CG  1 
ATOM   384 O OD1 . ASP A 1 52 ? 8.766   4.875   0.982   1.00 25.77  ? 52  ASP A OD1 1 
ATOM   385 O OD2 . ASP A 1 52 ? 10.193  3.852   2.290   1.00 29.40  ? 52  ASP A OD2 1 
ATOM   386 N N   . PRO A 1 53 ? 5.925   4.367   -0.062  1.00 14.60  ? 53  PRO A N   1 
ATOM   387 C CA  . PRO A 1 53 ? 5.623   4.937   -1.359  1.00 15.73  ? 53  PRO A CA  1 
ATOM   388 C C   . PRO A 1 53 ? 6.838   5.326   -2.191  1.00 17.65  ? 53  PRO A C   1 
ATOM   389 O O   . PRO A 1 53 ? 6.776   5.492   -3.425  1.00 21.55  ? 53  PRO A O   1 
ATOM   390 C CB  . PRO A 1 53 ? 4.693   6.143   -1.057  1.00 14.61  ? 53  PRO A CB  1 
ATOM   391 C CG  . PRO A 1 53 ? 4.699   6.295   0.392   1.00 15.74  ? 53  PRO A CG  1 
ATOM   392 C CD  . PRO A 1 53 ? 5.420   5.160   1.066   1.00 16.62  ? 53  PRO A CD  1 
ATOM   393 N N   . LYS A 1 54 ? 7.979   5.498   -1.530  1.00 19.09  ? 54  LYS A N   1 
ATOM   394 C CA  . LYS A 1 54 ? 9.195   5.908   -2.271  1.00 26.47  ? 54  LYS A CA  1 
ATOM   395 C C   . LYS A 1 54 ? 9.854   4.706   -2.967  1.00 28.10  ? 54  LYS A C   1 
ATOM   396 O O   . LYS A 1 54 ? 10.604  4.926   -3.912  1.00 28.62  ? 54  LYS A O   1 
ATOM   397 C CB  . LYS A 1 54 ? 10.328  6.310   -1.303  1.00 31.32  ? 54  LYS A CB  1 
ATOM   398 C CG  . LYS A 1 54 ? 9.992   7.416   -0.350  1.00 39.80  ? 54  LYS A CG  1 
ATOM   399 C CD  . LYS A 1 54 ? 9.912   8.739   -1.095  1.00 44.05  ? 54  LYS A CD  1 
ATOM   400 C CE  . LYS A 1 54 ? 9.623   9.882   -0.130  1.00 53.32  ? 54  LYS A CE  1 
ATOM   401 N NZ  . LYS A 1 54 ? 10.355  9.684   1.148   1.00 59.46  ? 54  LYS A NZ  1 
ATOM   402 N N   . GLU A 1 55 ? 9.622   3.508   -2.427  1.00 24.45  ? 55  GLU A N   1 
ATOM   403 C CA  . GLU A 1 55 ? 10.326  2.353   -3.069  1.00 24.78  ? 55  GLU A CA  1 
ATOM   404 C C   . GLU A 1 55 ? 9.786   2.085   -4.437  1.00 24.30  ? 55  GLU A C   1 
ATOM   405 O O   . GLU A 1 55 ? 8.570   2.051   -4.721  1.00 23.81  ? 55  GLU A O   1 
ATOM   406 C CB  . GLU A 1 55 ? 10.114  1.148   -2.167  1.00 24.63  ? 55  GLU A CB  1 
ATOM   407 C CG  . GLU A 1 55 ? 10.833  1.180   -0.828  1.00 30.90  ? 55  GLU A CG  1 
ATOM   408 C CD  . GLU A 1 55 ? 12.295  0.817   -1.014  1.00 37.46  ? 55  GLU A CD  1 
ATOM   409 O OE1 . GLU A 1 55 ? 12.557  0.414   -2.183  1.00 39.35  ? 55  GLU A OE1 1 
ATOM   410 O OE2 . GLU A 1 55 ? 13.094  0.926   -0.119  1.00 43.28  ? 55  GLU A OE2 1 
ATOM   411 N N   . ASN A 1 56 ? 10.672  1.851   -5.383  1.00 21.88  ? 56  ASN A N   1 
ATOM   412 C CA  . ASN A 1 56 ? 10.297  1.532   -6.762  1.00 24.17  ? 56  ASN A CA  1 
ATOM   413 C C   . ASN A 1 56 ? 9.439   0.269   -6.824  1.00 22.38  ? 56  ASN A C   1 
ATOM   414 O O   . ASN A 1 56 ? 8.503   0.212   -7.677  1.00 21.78  ? 56  ASN A O   1 
ATOM   415 C CB  . ASN A 1 56 ? 11.569  1.595   -7.616  1.00 33.93  ? 56  ASN A CB  1 
ATOM   416 C CG  . ASN A 1 56 ? 12.260  2.969   -7.567  1.00 48.56  ? 56  ASN A CG  1 
ATOM   417 O OD1 . ASN A 1 56 ? 13.109  3.275   -6.684  1.00 52.20  ? 56  ASN A OD1 1 
ATOM   418 N ND2 . ASN A 1 56 ? 11.905  3.897   -8.464  1.00 51.63  ? 56  ASN A ND2 1 
ATOM   419 N N   . TRP A 1 57 ? 9.751   -0.748  -6.026  1.00 20.58  ? 57  TRP A N   1 
ATOM   420 C CA  . TRP A 1 57 ? 8.984   -2.019  -6.127  1.00 18.94  ? 57  TRP A CA  1 
ATOM   421 C C   . TRP A 1 57 ? 7.553   -1.781  -5.661  1.00 15.83  ? 57  TRP A C   1 
ATOM   422 O O   . TRP A 1 57 ? 6.626   -2.392  -6.196  1.00 18.13  ? 57  TRP A O   1 
ATOM   423 C CB  . TRP A 1 57 ? 9.654   -3.215  -5.404  1.00 17.57  ? 57  TRP A CB  1 
ATOM   424 C CG  . TRP A 1 57 ? 9.583   -3.229  -3.936  1.00 12.51  ? 57  TRP A CG  1 
ATOM   425 C CD1 . TRP A 1 57 ? 10.572  -2.825  -3.038  1.00 16.54  ? 57  TRP A CD1 1 
ATOM   426 C CD2 . TRP A 1 57 ? 8.486   -3.683  -3.103  1.00 11.14  ? 57  TRP A CD2 1 
ATOM   427 N NE1 . TRP A 1 57 ? 10.152  -3.028  -1.757  1.00 15.87  ? 57  TRP A NE1 1 
ATOM   428 C CE2 . TRP A 1 57 ? 8.844   -3.494  -1.787  1.00 11.88  ? 57  TRP A CE2 1 
ATOM   429 C CE3 . TRP A 1 57 ? 7.237   -4.216  -3.412  1.00 17.98  ? 57  TRP A CE3 1 
ATOM   430 C CZ2 . TRP A 1 57 ? 8.042   -3.864  -0.727  1.00 15.45  ? 57  TRP A CZ2 1 
ATOM   431 C CZ3 . TRP A 1 57 ? 6.411   -4.546  -2.357  1.00 10.95  ? 57  TRP A CZ3 1 
ATOM   432 C CH2 . TRP A 1 57 ? 6.806   -4.366  -1.052  1.00 16.84  ? 57  TRP A CH2 1 
ATOM   433 N N   . VAL A 1 58 ? 7.364   -0.928  -4.667  1.00 13.93  ? 58  VAL A N   1 
ATOM   434 C CA  . VAL A 1 58 ? 6.008   -0.607  -4.170  1.00 17.35  ? 58  VAL A CA  1 
ATOM   435 C C   . VAL A 1 58 ? 5.161   0.034   -5.261  1.00 18.44  ? 58  VAL A C   1 
ATOM   436 O O   . VAL A 1 58 ? 3.995   -0.195  -5.566  1.00 20.24  ? 58  VAL A O   1 
ATOM   437 C CB  . VAL A 1 58 ? 6.134   0.280   -2.942  1.00 17.29  ? 58  VAL A CB  1 
ATOM   438 C CG1 . VAL A 1 58 ? 4.760   0.932   -2.642  1.00 12.66  ? 58  VAL A CG1 1 
ATOM   439 C CG2 . VAL A 1 58 ? 6.763   -0.441  -1.742  1.00 11.93  ? 58  VAL A CG2 1 
ATOM   440 N N   . GLN A 1 59 ? 5.865   1.018   -5.903  1.00 19.02  ? 59  GLN A N   1 
ATOM   441 C CA  . GLN A 1 59 ? 5.161   1.735   -7.003  1.00 17.67  ? 59  GLN A CA  1 
ATOM   442 C C   . GLN A 1 59 ? 4.735   0.735   -8.049  1.00 20.81  ? 59  GLN A C   1 
ATOM   443 O O   . GLN A 1 59 ? 3.624   0.801   -8.625  1.00 22.92  ? 59  GLN A O   1 
ATOM   444 C CB  . GLN A 1 59 ? 6.015   2.903   -7.528  1.00 21.92  ? 59  GLN A CB  1 
ATOM   445 C CG  . GLN A 1 59 ? 6.341   3.949   -6.484  1.00 25.77  ? 59  GLN A CG  1 
ATOM   446 C CD  . GLN A 1 59 ? 7.500   4.864   -6.842  1.00 39.59  ? 59  GLN A CD  1 
ATOM   447 O OE1 . GLN A 1 59 ? 8.048   4.838   -7.961  1.00 41.53  ? 59  GLN A OE1 1 
ATOM   448 N NE2 . GLN A 1 59 ? 7.942   5.694   -5.866  1.00 39.33  ? 59  GLN A NE2 1 
ATOM   449 N N   . ARG A 1 60 ? 5.594   -0.229  -8.375  1.00 22.75  ? 60  ARG A N   1 
ATOM   450 C CA  . ARG A 1 60 ? 5.260   -1.258  -9.399  1.00 22.55  ? 60  ARG A CA  1 
ATOM   451 C C   . ARG A 1 60 ? 4.158   -2.182  -8.962  1.00 18.93  ? 60  ARG A C   1 
ATOM   452 O O   . ARG A 1 60 ? 3.330   -2.606  -9.771  1.00 19.21  ? 60  ARG A O   1 
ATOM   453 C CB  . ARG A 1 60 ? 6.533   -2.041  -9.780  1.00 31.17  ? 60  ARG A CB  1 
ATOM   454 C CG  . ARG A 1 60 ? 7.549   -1.081  -10.361 1.00 47.75  ? 60  ARG A CG  1 
ATOM   455 C CD  . ARG A 1 60 ? 8.689   -1.645  -11.100 1.00 61.88  ? 60  ARG A CD  1 
ATOM   456 N NE  . ARG A 1 60 ? 9.437   -0.552  -11.733 1.00 76.93  ? 60  ARG A NE  1 
ATOM   457 C CZ  . ARG A 1 60 ? 10.610  -0.634  -12.352 1.00 84.30  ? 60  ARG A CZ  1 
ATOM   458 N NH1 . ARG A 1 60 ? 11.288  -1.789  -12.374 1.00 89.07  ? 60  ARG A NH1 1 
ATOM   459 N NH2 . ARG A 1 60 ? 11.168  0.445   -12.922 1.00 86.27  ? 60  ARG A NH2 1 
ATOM   460 N N   . VAL A 1 61 ? 4.152   -2.537  -7.697  1.00 19.52  ? 61  VAL A N   1 
ATOM   461 C CA  . VAL A 1 61 ? 3.075   -3.422  -7.176  1.00 22.23  ? 61  VAL A CA  1 
ATOM   462 C C   . VAL A 1 61 ? 1.736   -2.668  -7.218  1.00 19.79  ? 61  VAL A C   1 
ATOM   463 O O   . VAL A 1 61 ? 0.692   -3.250  -7.585  1.00 20.22  ? 61  VAL A O   1 
ATOM   464 C CB  . VAL A 1 61 ? 3.516   -4.016  -5.848  1.00 19.35  ? 61  VAL A CB  1 
ATOM   465 C CG1 . VAL A 1 61 ? 2.425   -4.355  -4.869  1.00 31.58  ? 61  VAL A CG1 1 
ATOM   466 C CG2 . VAL A 1 61 ? 4.382   -5.281  -6.086  1.00 26.93  ? 61  VAL A CG2 1 
ATOM   467 N N   . VAL A 1 62 ? 1.751   -1.422  -6.833  1.00 19.99  ? 62  VAL A N   1 
ATOM   468 C CA  . VAL A 1 62 ? 0.512   -0.591  -6.803  1.00 19.52  ? 62  VAL A CA  1 
ATOM   469 C C   . VAL A 1 62 ? -0.092  -0.484  -8.178  1.00 19.03  ? 62  VAL A C   1 
ATOM   470 O O   . VAL A 1 62 ? -1.281  -0.618  -8.518  1.00 22.88  ? 62  VAL A O   1 
ATOM   471 C CB  . VAL A 1 62 ? 0.846   0.722   -6.094  1.00 18.69  ? 62  VAL A CB  1 
ATOM   472 C CG1 . VAL A 1 62 ? -0.314  1.714   -6.291  1.00 23.64  ? 62  VAL A CG1 1 
ATOM   473 C CG2 . VAL A 1 62 ? 1.150   0.520   -4.621  1.00 14.68  ? 62  VAL A CG2 1 
ATOM   474 N N   . GLU A 1 63 ? 0.772   -0.203  -9.140  1.00 18.67  ? 63  GLU A N   1 
ATOM   475 C CA  . GLU A 1 63 ? 0.379   -0.070  -10.540 1.00 22.84  ? 63  GLU A CA  1 
ATOM   476 C C   . GLU A 1 63 ? -0.216  -1.347  -11.063 1.00 21.27  ? 63  GLU A C   1 
ATOM   477 O O   . GLU A 1 63 ? -1.251  -1.323  -11.748 1.00 20.91  ? 63  GLU A O   1 
ATOM   478 C CB  . GLU A 1 63 ? 1.665   0.272   -11.296 1.00 25.45  ? 63  GLU A CB  1 
ATOM   479 C CG  . GLU A 1 63 ? 1.623   0.889   -12.673 1.00 47.10  ? 63  GLU A CG  1 
ATOM   480 C CD  . GLU A 1 63 ? 2.972   1.548   -12.979 1.00 53.39  ? 63  GLU A CD  1 
ATOM   481 O OE1 . GLU A 1 63 ? 3.808   0.738   -13.418 1.00 54.79  ? 63  GLU A OE1 1 
ATOM   482 O OE2 . GLU A 1 63 ? 3.158   2.727   -12.716 1.00 61.79  ? 63  GLU A OE2 1 
ATOM   483 N N   . LYS A 1 64 ? 0.415   -2.502  -10.759 1.00 19.22  ? 64  LYS A N   1 
ATOM   484 C CA  . LYS A 1 64 ? -0.112  -3.802  -11.264 1.00 22.02  ? 64  LYS A CA  1 
ATOM   485 C C   . LYS A 1 64 ? -1.460  -4.136  -10.674 1.00 18.70  ? 64  LYS A C   1 
ATOM   486 O O   . LYS A 1 64 ? -2.339  -4.610  -11.384 1.00 22.10  ? 64  LYS A O   1 
ATOM   487 C CB  . LYS A 1 64 ? 0.781   -5.021  -10.944 1.00 22.97  ? 64  LYS A CB  1 
ATOM   488 C CG  . LYS A 1 64 ? 1.854   -5.168  -12.002 1.00 36.49  ? 64  LYS A CG  1 
ATOM   489 C CD  . LYS A 1 64 ? 3.202   -5.483  -11.393 1.00 49.81  ? 64  LYS A CD  1 
ATOM   490 C CE  . LYS A 1 64 ? 4.180   -5.897  -12.510 1.00 59.69  ? 64  LYS A CE  1 
ATOM   491 N NZ  . LYS A 1 64 ? 5.446   -6.398  -11.878 1.00 65.48  ? 64  LYS A NZ  1 
ATOM   492 N N   . PHE A 1 65 ? -1.529  -3.973  -9.378  1.00 18.45  ? 65  PHE A N   1 
ATOM   493 C CA  . PHE A 1 65 ? -2.788  -4.200  -8.642  1.00 18.35  ? 65  PHE A CA  1 
ATOM   494 C C   . PHE A 1 65 ? -3.889  -3.363  -9.319  1.00 22.58  ? 65  PHE A C   1 
ATOM   495 O O   . PHE A 1 65 ? -5.002  -3.877  -9.547  1.00 24.10  ? 65  PHE A O   1 
ATOM   496 C CB  . PHE A 1 65 ? -2.701  -3.792  -7.188  1.00 19.41  ? 65  PHE A CB  1 
ATOM   497 C CG  . PHE A 1 65 ? -4.044  -3.678  -6.510  1.00 20.75  ? 65  PHE A CG  1 
ATOM   498 C CD1 . PHE A 1 65 ? -4.711  -4.869  -6.198  1.00 15.25  ? 65  PHE A CD1 1 
ATOM   499 C CD2 . PHE A 1 65 ? -4.624  -2.453  -6.215  1.00 12.23  ? 65  PHE A CD2 1 
ATOM   500 C CE1 . PHE A 1 65 ? -5.960  -4.846  -5.566  1.00 18.28  ? 65  PHE A CE1 1 
ATOM   501 C CE2 . PHE A 1 65 ? -5.844  -2.424  -5.558  1.00 11.86  ? 65  PHE A CE2 1 
ATOM   502 C CZ  . PHE A 1 65 ? -6.539  -3.610  -5.234  1.00 12.30  ? 65  PHE A CZ  1 
ATOM   503 N N   . LEU A 1 66 ? -3.558  -2.077  -9.548  1.00 23.31  ? 66  LEU A N   1 
ATOM   504 C CA  . LEU A 1 66 ? -4.586  -1.217  -10.174 1.00 25.28  ? 66  LEU A CA  1 
ATOM   505 C C   . LEU A 1 66 ? -4.997  -1.674  -11.584 1.00 32.08  ? 66  LEU A C   1 
ATOM   506 O O   . LEU A 1 66 ? -6.182  -1.555  -11.989 1.00 31.59  ? 66  LEU A O   1 
ATOM   507 C CB  . LEU A 1 66 ? -4.063  0.217   -10.186 1.00 30.24  ? 66  LEU A CB  1 
ATOM   508 C CG  . LEU A 1 66 ? -4.071  1.080   -8.931  1.00 28.00  ? 66  LEU A CG  1 
ATOM   509 C CD1 . LEU A 1 66 ? -3.200  2.333   -9.194  1.00 27.88  ? 66  LEU A CD1 1 
ATOM   510 C CD2 . LEU A 1 66 ? -5.509  1.464   -8.655  1.00 26.01  ? 66  LEU A CD2 1 
ATOM   511 N N   . LYS A 1 67 ? -4.025  -2.162  -12.342 1.00 29.23  ? 67  LYS A N   1 
ATOM   512 C CA  . LYS A 1 67 ? -4.325  -2.589  -13.751 1.00 32.31  ? 67  LYS A CA  1 
ATOM   513 C C   . LYS A 1 67 ? -5.224  -3.784  -13.699 1.00 29.43  ? 67  LYS A C   1 
ATOM   514 O O   . LYS A 1 67 ? -6.185  -3.984  -14.453 1.00 33.39  ? 67  LYS A O   1 
ATOM   515 C CB  . LYS A 1 67 ? -2.991  -2.740  -14.432 1.00 36.18  ? 67  LYS A CB  1 
ATOM   516 C CG  . LYS A 1 67 ? -2.813  -3.733  -15.551 1.00 49.22  ? 67  LYS A CG  1 
ATOM   517 C CD  . LYS A 1 67 ? -1.300  -3.866  -15.830 1.00 56.98  ? 67  LYS A CD  1 
ATOM   518 C CE  . LYS A 1 67 ? -0.924  -5.325  -15.983 1.00 63.22  ? 67  LYS A CE  1 
ATOM   519 N NZ  . LYS A 1 67 ? 0.506   -5.483  -16.345 1.00 70.82  ? 67  LYS A NZ  1 
ATOM   520 N N   . ARG A 1 68 ? -4.973  -4.634  -12.718 1.00 28.44  ? 68  ARG A N   1 
ATOM   521 C CA  . ARG A 1 68 ? -5.778  -5.849  -12.535 1.00 30.35  ? 68  ARG A CA  1 
ATOM   522 C C   . ARG A 1 68 ? -7.221  -5.525  -12.166 1.00 32.68  ? 68  ARG A C   1 
ATOM   523 O O   . ARG A 1 68 ? -8.202  -5.783  -12.850 1.00 33.26  ? 68  ARG A O   1 
ATOM   524 C CB  . ARG A 1 68 ? -5.204  -6.675  -11.369 1.00 32.10  ? 68  ARG A CB  1 
ATOM   525 C CG  . ARG A 1 68 ? -5.521  -8.120  -11.421 1.00 34.47  ? 68  ARG A CG  1 
ATOM   526 C CD  . ARG A 1 68 ? -5.933  -8.821  -10.264 1.00 36.77  ? 68  ARG A CD  1 
ATOM   527 N NE  . ARG A 1 68 ? -5.647  -8.619  -8.954  1.00 35.10  ? 68  ARG A NE  1 
ATOM   528 C CZ  . ARG A 1 68 ? -4.918  -8.485  -7.906  1.00 29.84  ? 68  ARG A CZ  1 
ATOM   529 N NH1 . ARG A 1 68 ? -3.584  -8.551  -8.015  1.00 31.39  ? 68  ARG A NH1 1 
ATOM   530 N NH2 . ARG A 1 68 ? -5.523  -8.303  -6.720  1.00 19.72  ? 68  ARG A NH2 1 
ATOM   531 N N   . ALA A 1 69 ? -7.330  -4.931  -10.990 1.00 33.12  ? 69  ALA A N   1 
ATOM   532 C CA  . ALA A 1 69 ? -8.583  -4.562  -10.348 1.00 36.83  ? 69  ALA A CA  1 
ATOM   533 C C   . ALA A 1 69 ? -9.417  -3.696  -11.272 1.00 41.04  ? 69  ALA A C   1 
ATOM   534 O O   . ALA A 1 69 ? -10.664 -3.807  -11.240 1.00 43.37  ? 69  ALA A O   1 
ATOM   535 C CB  . ALA A 1 69 ? -8.276  -3.856  -9.021  1.00 31.63  ? 69  ALA A CB  1 
ATOM   536 N N   . GLU A 1 70 ? -8.767  -2.848  -12.052 1.00 41.60  ? 70  GLU A N   1 
ATOM   537 C CA  . GLU A 1 70 ? -9.543  -1.964  -12.929 1.00 45.03  ? 70  GLU A CA  1 
ATOM   538 C C   . GLU A 1 70 ? -10.407 -2.730  -13.902 1.00 50.40  ? 70  GLU A C   1 
ATOM   539 O O   . GLU A 1 70 ? -11.550 -2.292  -14.106 1.00 51.20  ? 70  GLU A O   1 
ATOM   540 C CB  . GLU A 1 70 ? -8.711  -1.015  -13.731 1.00 47.19  ? 70  GLU A CB  1 
ATOM   541 C CG  . GLU A 1 70 ? -7.855  -1.473  -14.894 1.00 55.08  ? 70  GLU A CG  1 
ATOM   542 C CD  . GLU A 1 70 ? -7.243  -0.290  -15.627 1.00 62.36  ? 70  GLU A CD  1 
ATOM   543 O OE1 . GLU A 1 70 ? -6.464  0.498   -15.091 1.00 60.72  ? 70  GLU A OE1 1 
ATOM   544 O OE2 . GLU A 1 70 ? -7.705  -0.238  -16.790 1.00 64.20  ? 70  GLU A OE2 1 
ATOM   545 N N   . ASN A 1 71 ? -9.880  -3.794  -14.495 1.00 55.97  ? 71  ASN A N   1 
ATOM   546 C CA  . ASN A 1 71 ? -10.649 -4.584  -15.463 1.00 61.50  ? 71  ASN A CA  1 
ATOM   547 C C   . ASN A 1 71 ? -11.143 -5.880  -14.821 1.00 63.29  ? 71  ASN A C   1 
ATOM   548 O O   . ASN A 1 71 ? -11.112 -6.911  -15.510 1.00 63.90  ? 71  ASN A O   1 
ATOM   549 C CB  . ASN A 1 71 ? -9.943  -4.785  -16.787 1.00 71.28  ? 71  ASN A CB  1 
ATOM   550 C CG  . ASN A 1 71 ? -8.596  -5.464  -16.756 1.00 78.46  ? 71  ASN A CG  1 
ATOM   551 O OD1 . ASN A 1 71 ? -7.633  -5.007  -17.419 1.00 81.60  ? 71  ASN A OD1 1 
ATOM   552 N ND2 . ASN A 1 71 ? -8.466  -6.567  -16.017 1.00 79.89  ? 71  ASN A ND2 1 
ATOM   553 N N   . SER A 1 72 ? -11.601 -5.763  -13.590 1.00 64.86  ? 72  SER A N   1 
ATOM   554 C CA  . SER A 1 72 ? -12.126 -6.882  -12.791 1.00 65.53  ? 72  SER A CA  1 
ATOM   555 C C   . SER A 1 72 ? -13.650 -6.935  -12.817 1.00 65.47  ? 72  SER A C   1 
ATOM   556 O O   . SER A 1 72 ? -14.267 -6.743  -11.746 1.00 64.05  ? 72  SER A O   1 
ATOM   557 C CB  . SER A 1 72 ? -11.606 -6.862  -11.360 1.00 67.62  ? 72  SER A CB  1 
ATOM   558 O OG  . SER A 1 72 ? -10.360 -7.541  -11.201 1.00 69.11  ? 72  SER A OG  1 
HETATM 559 O O   . HOH B 2 .  ? -0.673  10.305  5.473   1.00 12.75  ? 201 HOH A O   1 
HETATM 560 O O   . HOH B 2 .  ? 3.182   3.645   4.127   1.00 2.00   ? 202 HOH A O   1 
HETATM 561 O O   . HOH B 2 .  ? -2.066  8.690   7.616   1.00 17.14  ? 203 HOH A O   1 
HETATM 562 O O   . HOH B 2 .  ? 0.239   16.240  13.436  1.00 26.17  ? 204 HOH A O   1 
HETATM 563 O O   . HOH B 2 .  ? -2.390  -16.819 4.723   1.00 26.70  ? 205 HOH A O   1 
HETATM 564 O O   . HOH B 2 .  ? -4.181  8.662   8.629   1.00 28.71  ? 206 HOH A O   1 
HETATM 565 O O   . HOH B 2 .  ? -6.283  -1.013  3.113   1.00 35.74  ? 207 HOH A O   1 
HETATM 566 O O   . HOH B 2 .  ? 7.796   -0.829  1.580   1.00 21.89  ? 208 HOH A O   1 
HETATM 567 O O   . HOH B 2 .  ? 3.932   6.659   8.644   1.00 37.53  ? 209 HOH A O   1 
HETATM 568 O O   . HOH B 2 .  ? 2.421   3.620   -8.650  1.00 38.08  ? 210 HOH A O   1 
HETATM 569 O O   . HOH B 2 .  ? 3.494   -2.953  7.918   1.00 27.04  ? 211 HOH A O   1 
HETATM 570 O O   . HOH B 2 .  ? 4.672   5.630   5.339   1.00 43.37  ? 214 HOH A O   1 
HETATM 571 O O   . HOH B 2 .  ? 1.358   12.629  13.187  1.00 37.73  ? 215 HOH A O   1 
HETATM 572 O O   . HOH B 2 .  ? -6.185  -10.739 -3.936  1.00 35.49  ? 217 HOH A O   1 
HETATM 573 O O   . HOH B 2 .  ? 8.880   -13.918 3.656   1.00 31.23  ? 218 HOH A O   1 
HETATM 574 O O   . HOH B 2 .  ? 2.678   -0.559  10.872  1.00 56.93  ? 220 HOH A O   1 
HETATM 575 O O   . HOH B 2 .  ? 10.160  -0.441  2.933   1.00 37.68  ? 222 HOH A O   1 
HETATM 576 O O   . HOH B 2 .  ? -8.637  -12.901 -10.188 1.00 69.41  ? 223 HOH A O   1 
HETATM 577 O O   . HOH B 2 .  ? 15.257  -2.771  -1.093  1.00 69.57  ? 224 HOH A O   1 
HETATM 578 O O   . HOH B 2 .  ? -2.808  -6.986  10.154  1.00 40.30  ? 226 HOH A O   1 
HETATM 579 O O   . HOH B 2 .  ? -5.491  -12.113 -6.839  1.00 38.90  ? 227 HOH A O   1 
HETATM 580 O O   . HOH B 2 .  ? 9.576   3.252   5.629   1.00 44.91  ? 228 HOH A O   1 
HETATM 581 O O   . HOH B 2 .  ? 11.854  1.633   1.968   1.00 42.43  ? 230 HOH A O   1 
HETATM 582 O O   . HOH B 2 .  ? -2.528  -0.930  8.918   1.00 65.58  ? 233 HOH A O   1 
HETATM 583 O O   . HOH B 2 .  ? -4.782  1.189   9.566   1.00 88.68  ? 235 HOH A O   1 
HETATM 584 O O   . HOH B 2 .  ? 12.737  -1.068  -5.308  1.00 45.55  ? 238 HOH A O   1 
HETATM 585 O O   . HOH B 2 .  ? 3.595   -10.175 5.949   1.00 47.06  ? 239 HOH A O   1 
HETATM 586 O O   . HOH B 2 .  ? -1.807  -6.536  -13.511 1.00 35.13  ? 240 HOH A O   1 
HETATM 587 O O   . HOH B 2 .  ? -1.526  -8.597  -10.616 1.00 53.16  ? 243 HOH A O   1 
HETATM 588 O O   . HOH B 2 .  ? -2.223  19.457  22.220  1.00 45.65  ? 402 HOH A O   1 
HETATM 589 O O   . HOH B 2 .  ? 1.136   13.376  16.548  1.00 63.44  ? 403 HOH A O   1 
HETATM 590 O O   . HOH B 2 .  ? -6.389  2.074   -12.710 1.00 63.16  ? 404 HOH A O   1 
HETATM 591 O O   . HOH B 2 .  ? 8.413   8.280   11.809  1.00 52.63  ? 405 HOH A O   1 
HETATM 592 O O   . HOH B 2 .  ? -2.346  11.787  23.332  1.00 43.95  ? 407 HOH A O   1 
HETATM 593 O O   . HOH B 2 .  ? 5.123   11.583  15.004  1.00 57.53  ? 411 HOH A O   1 
HETATM 594 O O   . HOH B 2 .  ? 8.692   9.673   13.947  1.00 49.25  ? 412 HOH A O   1 
HETATM 595 O O   . HOH B 2 .  ? -13.485 14.850  10.785  1.00 69.42  ? 416 HOH A O   1 
HETATM 596 O O   . HOH B 2 .  ? -3.540  8.722   18.147  1.00 67.78  ? 417 HOH A O   1 
HETATM 597 O O   . HOH B 2 .  ? -1.432  17.943  2.339   1.00 47.86  ? 501 HOH A O   1 
HETATM 598 O O   . HOH B 2 .  ? -20.462 12.126  -1.410  1.00 69.90  ? 502 HOH A O   1 
HETATM 599 O O   . HOH B 2 .  ? -4.003  4.442   23.775  1.00 57.97  ? 503 HOH A O   1 
HETATM 600 O O   . HOH B 2 .  ? 4.956   6.927   11.957  1.00 63.71  ? 505 HOH A O   1 
HETATM 601 O O   . HOH B 2 .  ? 4.206   19.886  6.873   1.00 52.77  ? 507 HOH A O   1 
HETATM 602 O O   . HOH B 2 .  ? 6.421   8.379   2.497   1.00 47.80  ? 508 HOH A O   1 
HETATM 603 O O   . HOH B 2 .  ? -9.918  5.885   15.647  1.00 90.78  ? 512 HOH A O   1 
HETATM 604 O O   . HOH B 2 .  ? -6.538  12.360  4.841   1.00 39.10  ? 517 HOH A O   1 
HETATM 605 O O   . HOH B 2 .  ? -21.041 18.800  -5.987  1.00 58.21  ? 518 HOH A O   1 
HETATM 606 O O   . HOH B 2 .  ? 6.076   9.622   12.088  1.00 68.39  ? 519 HOH A O   1 
HETATM 607 O O   . HOH B 2 .  ? -11.472 12.821  15.158  1.00 57.49  ? 520 HOH A O   1 
HETATM 608 O O   . HOH B 2 .  ? 10.430  -21.154 -4.991  1.00 47.11  ? 521 HOH A O   1 
HETATM 609 O O   . HOH B 2 .  ? -18.116 20.064  2.153   1.00 74.99  ? 522 HOH A O   1 
HETATM 610 O O   . HOH B 2 .  ? 11.198  6.637   3.518   1.00 58.72  ? 524 HOH A O   1 
HETATM 611 O O   . HOH B 2 .  ? 6.813   6.488   4.197   1.00 59.44  ? 525 HOH A O   1 
HETATM 612 O O   . HOH B 2 .  ? -0.770  7.799   17.204  1.00 72.67  ? 526 HOH A O   1 
HETATM 613 O O   . HOH B 2 .  ? 8.437   21.668  -8.599  1.00 59.35  ? 531 HOH A O   1 
HETATM 614 O O   . HOH B 2 .  ? 1.020   19.253  2.743   1.00 51.76  ? 532 HOH A O   1 
HETATM 615 O O   . HOH B 2 .  ? 4.444   22.024  7.722   1.00 47.69  ? 534 HOH A O   1 
HETATM 616 O O   . HOH B 2 .  ? 26.171  5.600   21.218  1.00 105.42 ? 537 HOH A O   1 
HETATM 617 O O   . HOH B 2 .  ? 20.341  5.706   24.840  1.00 48.33  ? 540 HOH A O   1 
HETATM 618 O O   . HOH B 2 .  ? 10.184  13.239  3.904   1.00 82.83  ? 541 HOH A O   1 
HETATM 619 O O   . HOH B 2 .  ? -5.381  9.836   21.117  1.00 73.66  ? 546 HOH A O   1 
HETATM 620 O O   . HOH B 2 .  ? 8.242   11.930  8.693   1.00 53.80  ? 557 HOH A O   1 
HETATM 621 O O   . HOH B 2 .  ? -20.528 10.402  2.171   1.00 57.70  ? 561 HOH A O   1 
HETATM 622 O O   . HOH B 2 .  ? -12.085 8.323   14.350  1.00 83.37  ? 562 HOH A O   1 
HETATM 623 O O   . HOH B 2 .  ? -0.447  21.174  0.451   1.00 54.07  ? 563 HOH A O   1 
HETATM 624 O O   . HOH B 2 .  ? -11.986 7.824   2.854   1.00 44.89  ? 565 HOH A O   1 
HETATM 625 O O   . HOH B 2 .  ? 7.748   -22.588 -6.088  1.00 77.05  ? 570 HOH A O   1 
HETATM 626 O O   . HOH B 2 .  ? -4.741  12.929  3.413   1.00 23.03  ? 601 HOH A O   1 
HETATM 627 O O   . HOH B 2 .  ? 4.221   17.664  19.977  1.00 46.01  ? 602 HOH A O   1 
HETATM 628 O O   . HOH B 2 .  ? -7.031  9.722   7.361   1.00 53.04  ? 603 HOH A O   1 
HETATM 629 O O   . HOH B 2 .  ? -11.887 20.952  10.616  1.00 57.80  ? 604 HOH A O   1 
HETATM 630 O O   . HOH B 2 .  ? 7.136   12.704  15.065  1.00 47.77  ? 605 HOH A O   1 
HETATM 631 O O   . HOH B 2 .  ? -6.532  6.780   23.099  1.00 71.46  ? 606 HOH A O   1 
HETATM 632 O O   . HOH B 2 .  ? -20.632 4.280   1.880   1.00 76.54  ? 608 HOH A O   1 
HETATM 633 O O   . HOH B 2 .  ? 10.973  11.940  19.563  1.00 38.50  ? 609 HOH A O   1 
HETATM 634 O O   . HOH B 2 .  ? 5.128   21.067  2.413   1.00 76.28  ? 610 HOH A O   1 
HETATM 635 O O   . HOH B 2 .  ? 13.131  5.419   16.412  1.00 76.63  ? 611 HOH A O   1 
HETATM 636 O O   . HOH B 2 .  ? -7.005  12.381  7.756   1.00 70.37  ? 612 HOH A O   1 
HETATM 637 O O   . HOH B 2 .  ? 7.312   17.905  -7.887  1.00 81.92  ? 621 HOH A O   1 
HETATM 638 O O   . HOH B 2 .  ? 12.741  6.231   -8.040  1.00 59.24  ? 622 HOH A O   1 
HETATM 639 O O   . HOH B 2 .  ? 4.561   5.496   -4.778  1.00 52.10  ? 623 HOH A O   1 
HETATM 640 O O   . HOH B 2 .  ? 26.505  21.662  24.832  1.00 62.53  ? 625 HOH A O   1 
HETATM 641 O O   . HOH B 2 .  ? -23.656 20.267  -8.934  1.00 62.52  ? 626 HOH A O   1 
HETATM 642 O O   . HOH B 2 .  ? -9.453  6.383   2.680   1.00 49.96  ? 627 HOH A O   1 
HETATM 643 O O   . HOH B 2 .  ? 6.768   12.748  -9.316  1.00 64.91  ? 628 HOH A O   1 
HETATM 644 O O   . HOH B 2 .  ? 10.840  6.167   -6.395  1.00 57.26  ? 630 HOH A O   1 
HETATM 645 O O   . HOH B 2 .  ? -5.022  13.100  20.606  1.00 73.62  ? 631 HOH A O   1 
HETATM 646 O O   . HOH B 2 .  ? -11.477 14.642  5.760   1.00 55.66  ? 633 HOH A O   1 
HETATM 647 O O   . HOH B 2 .  ? -3.759  6.247   13.821  1.00 73.50  ? 634 HOH A O   1 
HETATM 648 O O   . HOH B 2 .  ? 14.603  8.787   0.071   1.00 90.63  ? 636 HOH A O   1 
HETATM 649 O O   . HOH B 2 .  ? 8.903   7.360   2.562   1.00 47.70  ? 638 HOH A O   1 
HETATM 650 O O   . HOH B 2 .  ? 10.798  9.726   15.235  1.00 54.85  ? 639 HOH A O   1 
HETATM 651 O O   . HOH B 2 .  ? 9.491   21.301  10.252  1.00 77.18  ? 640 HOH A O   1 
HETATM 652 O O   . HOH B 2 .  ? 14.349  4.570   -9.577  1.00 50.21  ? 641 HOH A O   1 
HETATM 653 O O   . HOH B 2 .  ? 2.906   5.966   14.152  1.00 69.68  ? 642 HOH A O   1 
HETATM 654 O O   . HOH B 2 .  ? 4.192   18.274  22.700  1.00 40.53  ? 723 HOH A O   1 
HETATM 655 O O   . HOH B 2 .  ? -21.944 6.043   -1.060  1.00 66.30  ? 724 HOH A O   1 
HETATM 656 O O   . HOH B 2 .  ? 10.844  22.325  -7.177  1.00 67.60  ? 727 HOH A O   1 
HETATM 657 O O   . HOH B 2 .  ? 2.914   11.337  16.385  1.00 71.53  ? 729 HOH A O   1 
HETATM 658 O O   . HOH B 2 .  ? -1.140  17.990  -1.578  1.00 61.92  ? 731 HOH A O   1 
HETATM 659 O O   . HOH B 2 .  ? 11.717  6.727   11.041  1.00 80.07  ? 732 HOH A O   1 
HETATM 660 O O   . HOH B 2 .  ? 5.837   11.058  2.449   1.00 47.09  ? 735 HOH A O   1 
HETATM 661 O O   . HOH B 2 .  ? 0.401   4.461   14.532  1.00 64.39  ? 736 HOH A O   1 
HETATM 662 O O   . HOH B 2 .  ? 7.805   19.336  23.943  1.00 29.92  ? 801 HOH A O   1 
HETATM 663 O O   . HOH B 2 .  ? 4.708   19.231  24.867  1.00 29.66  ? 802 HOH A O   1 
HETATM 664 O O   . HOH B 2 .  ? 3.037   16.806  23.712  1.00 52.13  ? 805 HOH A O   1 
HETATM 665 O O   . HOH B 2 .  ? 2.230   9.374   18.331  1.00 49.56  ? 807 HOH A O   1 
HETATM 666 O O   . HOH B 2 .  ? -9.238  13.699  10.137  1.00 64.90  ? 808 HOH A O   1 
HETATM 667 O O   . HOH B 2 .  ? -22.165 19.682  -2.281  1.00 65.81  ? 809 HOH A O   1 
HETATM 668 O O   . HOH B 2 .  ? 2.201   7.286   -3.794  1.00 58.77  ? 810 HOH A O   1 
HETATM 669 O O   . HOH B 2 .  ? -9.486  11.752  11.565  1.00 65.88  ? 811 HOH A O   1 
HETATM 670 O O   . HOH B 2 .  ? -14.334 12.026  5.059   1.00 59.37  ? 814 HOH A O   1 
HETATM 671 O O   . HOH B 2 .  ? 6.236   9.937   0.235   1.00 57.01  ? 831 HOH A O   1 
HETATM 672 O O   . HOH B 2 .  ? -0.460  13.531  14.330  1.00 57.58  ? 833 HOH A O   1 
HETATM 673 O O   . HOH B 2 .  ? 16.885  20.692  22.637  1.00 72.74  ? 835 HOH A O   1 
HETATM 674 O O   . HOH B 2 .  ? -8.310  11.188  13.799  1.00 65.19  ? 841 HOH A O   1 
HETATM 675 O O   . HOH B 2 .  ? -1.290  19.729  -5.490  1.00 72.48  ? 842 HOH A O   1 
HETATM 676 O O   . HOH B 2 .  ? 6.567   5.543   14.123  1.00 62.61  ? 845 HOH A O   1 
HETATM 677 O O   . HOH B 2 .  ? -9.882  17.945  19.749  1.00 60.71  ? 846 HOH A O   1 
HETATM 678 O O   . HOH B 2 .  ? 1.594   18.392  23.871  1.00 50.78  ? 847 HOH A O   1 
HETATM 679 O O   . HOH B 2 .  ? -1.638  8.432   5.738   1.00 63.78  ? 848 HOH A O   1 
HETATM 680 O O   . HOH B 2 .  ? 11.416  7.270   14.777  1.00 80.94  ? 849 HOH A O   1 
HETATM 681 O O   . HOH B 2 .  ? 1.422   -18.971 12.039  1.00 69.48  ? 850 HOH A O   1 
HETATM 682 O O   . HOH B 2 .  ? 11.868  9.518   -8.701  1.00 64.75  ? 851 HOH A O   1 
HETATM 683 O O   . HOH B 2 .  ? -4.239  11.251  18.590  1.00 60.41  ? 852 HOH A O   1 
HETATM 684 O O   . HOH B 2 .  ? -20.827 8.960   -3.626  1.00 67.19  ? 854 HOH A O   1 
HETATM 685 O O   . HOH B 2 .  ? 8.399   -22.049 17.388  1.00 86.17  ? 856 HOH A O   1 
HETATM 686 O O   . HOH B 2 .  ? -9.654  4.801   1.513   1.00 60.91  ? 864 HOH A O   1 
HETATM 687 O O   . HOH B 2 .  ? -20.425 11.536  -7.549  1.00 64.42  ? 866 HOH A O   1 
HETATM 688 O O   . HOH B 2 .  ? 12.675  5.199   2.257   1.00 66.07  ? 868 HOH A O   1 
HETATM 689 O O   . HOH B 2 .  ? -11.477 10.587  9.293   1.00 62.86  ? 869 HOH A O   1 
HETATM 690 O O   . HOH B 2 .  ? -11.540 3.363   4.216   1.00 66.50  ? 870 HOH A O   1 
HETATM 691 O O   . HOH B 2 .  ? -5.550  9.824   16.153  1.00 60.41  ? 871 HOH A O   1 
HETATM 692 O O   . HOH B 2 .  ? -11.426 5.599   3.745   1.00 66.54  ? 879 HOH A O   1 
HETATM 693 O O   . HOH B 2 .  ? 7.857   3.297   10.129  1.00 61.95  ? 880 HOH A O   1 
# 
